data_1LUC
#
_entry.id   1LUC
#
_cell.length_a   150.500
_cell.length_b   59.000
_cell.length_c   76.500
_cell.angle_alpha   90.00
_cell.angle_beta   93.86
_cell.angle_gamma   90.00
#
_symmetry.space_group_name_H-M   'C 1 2 1'
#
loop_
_entity.id
_entity.type
_entity.pdbx_description
1 polymer 'BACTERIAL LUCIFERASE'
2 polymer 'BACTERIAL LUCIFERASE'
3 non-polymer 'MAGNESIUM ION'
4 non-polymer 1,2-ETHANEDIOL
5 water water
#
loop_
_entity_poly.entity_id
_entity_poly.type
_entity_poly.pdbx_seq_one_letter_code
_entity_poly.pdbx_strand_id
1 'polypeptide(L)'
;MKFGNFLLTYQPPELSQTEVMKRLVNLGKASEGCGFDTVWLLEHHFTEFGLLGNPYVAAAHLLGATETLNVGTAAIVLPT
AHPVRQAEDVNLLDQMSKGRFRFGICRGLYDKDFRVFGTDMDNSRALMDCWYDLMKEGFNEGYIAADNEHIKFPKIQLNP
SAYTQGGAPVYVVAESASTTEWAAERGLPMILSWIINTHEKKAQLDLYNEVATEHGYDVTKIDHCLSYITSVDHDSNRAK
DICRNFLGHWYDSYVNATKIFDDSDQTKGYDFNKGQWRDFVLKGHKDTNRRIDYSYEINPVGTPEECIAIIQQDIDATGI
DNICCGFEANGSEEEIIASMKLFQSDVMPYLKEKQ
;
A
2 'polypeptide(L)'
;MKFGLFFLNFMNSKRSSDQVIEEMLDTAHYVDQLKFDTLAVYENHFSNNGVVGAPLTVAGFLLGMTKNAKVASLNHVITT
HHPVRVAEEACLLDQMSEGRFAFGFSDCEKSADMRFFNRPTDSQFQLFSECHKIINDAFTTGYCHPNNDFYSFPKISVNP
HAFTEGGPAQFVNATSKEVVEWAAKLGLPLVFRWDDSNAQRKEYAGLYHEVAQAHGVDVSQVRHKLTLLVNQNVDGEAAR
AEARVYLEEFVRESYSNTDFEQKMGELLSENAIGTYEESTQAARVAIECCGAADLLMSFESMEDKAQQRAVIDVVNANIV
KYHS
;
B
#
loop_
_chem_comp.id
_chem_comp.type
_chem_comp.name
_chem_comp.formula
EDO non-polymer 1,2-ETHANEDIOL 'C2 H6 O2'
MG non-polymer 'MAGNESIUM ION' 'Mg 2'
#
# COMPACT_ATOMS: atom_id res chain seq x y z
N MET A 1 -10.04 28.03 5.43
CA MET A 1 -9.10 27.44 6.34
C MET A 1 -9.25 25.94 6.16
N LYS A 2 -8.13 25.22 6.17
CA LYS A 2 -8.16 23.79 6.02
C LYS A 2 -7.61 23.21 7.30
N PHE A 3 -8.11 21.98 7.60
CA PHE A 3 -7.68 21.32 8.78
C PHE A 3 -7.25 19.89 8.53
N GLY A 4 -6.09 19.54 9.07
CA GLY A 4 -5.53 18.18 8.96
C GLY A 4 -5.39 17.50 10.34
N ASN A 5 -5.55 16.15 10.37
CA ASN A 5 -5.40 15.42 11.62
C ASN A 5 -4.26 14.46 11.43
N PHE A 6 -3.23 14.58 12.27
CA PHE A 6 -2.04 13.72 12.19
C PHE A 6 -2.15 12.52 13.09
N LEU A 7 -1.84 11.36 12.51
CA LEU A 7 -1.85 10.11 13.24
C LEU A 7 -0.44 9.52 13.20
N LEU A 8 0.16 9.39 14.36
CA LEU A 8 1.51 8.88 14.53
C LEU A 8 1.61 7.39 14.71
N THR A 9 0.48 6.80 15.10
CA THR A 9 0.42 5.38 15.37
C THR A 9 1.44 5.04 16.44
N TYR A 10 1.64 5.94 17.38
CA TYR A 10 2.59 5.71 18.45
C TYR A 10 1.99 4.73 19.47
N GLN A 11 2.87 3.87 20.00
CA GLN A 11 2.44 2.91 21.01
C GLN A 11 2.86 3.37 22.45
N PRO A 12 1.93 3.98 23.21
CA PRO A 12 2.27 4.41 24.58
C PRO A 12 2.33 3.14 25.45
N PRO A 13 3.00 3.22 26.59
CA PRO A 13 3.18 2.07 27.45
C PRO A 13 1.91 1.31 27.83
N GLU A 14 0.83 2.05 28.01
CA GLU A 14 -0.42 1.42 28.40
C GLU A 14 -1.22 0.72 27.29
N LEU A 15 -0.79 0.69 25.99
CA LEU A 15 -1.60 0.02 24.96
C LEU A 15 -0.83 -1.04 24.22
N SER A 16 -1.57 -2.08 23.80
CA SER A 16 -0.99 -3.18 23.05
C SER A 16 -1.00 -2.74 21.55
N GLN A 17 -0.23 -3.50 20.75
CA GLN A 17 -0.17 -3.22 19.31
C GLN A 17 -1.54 -3.31 18.67
N THR A 18 -2.28 -4.34 19.01
CA THR A 18 -3.59 -4.52 18.48
C THR A 18 -4.53 -3.33 18.84
N GLU A 19 -4.39 -2.82 20.06
CA GLU A 19 -5.21 -1.71 20.45
C GLU A 19 -4.81 -0.47 19.63
N VAL A 20 -3.48 -0.30 19.49
CA VAL A 20 -2.98 0.84 18.74
C VAL A 20 -3.53 0.84 17.28
N MET A 21 -3.50 -0.34 16.61
CA MET A 21 -3.97 -0.45 15.26
C MET A 21 -5.46 -0.23 15.14
N LYS A 22 -6.22 -0.71 16.12
CA LYS A 22 -7.65 -0.51 16.07
C LYS A 22 -7.97 1.01 16.18
N ARG A 23 -7.21 1.66 17.03
CA ARG A 23 -7.37 3.10 17.22
C ARG A 23 -6.98 3.87 15.95
N LEU A 24 -5.96 3.38 15.25
CA LEU A 24 -5.57 4.04 14.00
C LEU A 24 -6.73 4.00 13.03
N VAL A 25 -7.32 2.84 12.92
CA VAL A 25 -8.44 2.71 12.07
C VAL A 25 -9.62 3.63 12.43
N ASN A 26 -9.99 3.61 13.72
CA ASN A 26 -11.13 4.38 14.21
C ASN A 26 -10.92 5.84 14.12
N LEU A 27 -9.71 6.28 14.47
CA LEU A 27 -9.44 7.72 14.42
C LEU A 27 -9.48 8.21 13.00
N GLY A 28 -8.94 7.40 12.08
CA GLY A 28 -8.99 7.84 10.70
C GLY A 28 -10.41 8.06 10.24
N LYS A 29 -11.25 7.08 10.56
CA LYS A 29 -12.64 7.11 10.16
C LYS A 29 -13.45 8.19 10.85
N ALA A 30 -13.01 8.63 12.00
CA ALA A 30 -13.79 9.68 12.65
C ALA A 30 -13.37 11.11 12.27
N SER A 31 -12.25 11.24 11.60
CA SER A 31 -11.76 12.56 11.29
C SER A 31 -12.66 13.49 10.50
N GLU A 32 -13.23 13.02 9.42
CA GLU A 32 -14.06 13.86 8.59
C GLU A 32 -15.24 14.46 9.33
N GLY A 33 -15.85 13.65 10.22
CA GLY A 33 -17.00 14.09 11.01
C GLY A 33 -16.59 15.15 11.99
N CYS A 34 -15.33 15.18 12.36
CA CYS A 34 -14.84 16.18 13.27
C CYS A 34 -14.37 17.49 12.51
N GLY A 35 -14.68 17.60 11.22
CA GLY A 35 -14.35 18.79 10.39
C GLY A 35 -12.95 18.84 9.80
N PHE A 36 -12.26 17.71 9.80
CA PHE A 36 -10.89 17.63 9.25
C PHE A 36 -11.01 17.28 7.79
N ASP A 37 -10.29 17.99 6.91
CA ASP A 37 -10.41 17.60 5.52
C ASP A 37 -9.31 16.60 5.07
N THR A 38 -8.27 16.41 5.89
CA THR A 38 -7.18 15.51 5.59
C THR A 38 -6.67 14.78 6.82
N VAL A 39 -6.23 13.52 6.62
CA VAL A 39 -5.62 12.74 7.68
C VAL A 39 -4.20 12.53 7.19
N TRP A 40 -3.23 12.80 8.06
CA TRP A 40 -1.82 12.63 7.75
C TRP A 40 -1.25 11.48 8.57
N LEU A 41 -0.52 10.59 7.88
CA LEU A 41 0.10 9.39 8.45
C LEU A 41 1.64 9.37 8.46
N LEU A 42 2.21 9.17 9.64
CA LEU A 42 3.63 9.12 9.82
C LEU A 42 4.11 7.66 9.65
N GLU A 43 5.32 7.53 9.07
CA GLU A 43 5.99 6.24 8.83
C GLU A 43 7.04 5.98 9.91
N HIS A 44 7.10 4.75 10.46
CA HIS A 44 8.11 4.41 11.42
C HIS A 44 8.31 2.90 11.37
N HIS A 45 9.54 2.43 11.65
CA HIS A 45 9.83 1.00 11.63
C HIS A 45 10.51 0.46 12.89
N PHE A 46 10.15 -0.80 13.16
CA PHE A 46 10.70 -1.59 14.24
C PHE A 46 10.66 -1.11 15.68
N THR A 47 9.89 -0.10 16.02
CA THR A 47 9.85 0.32 17.45
C THR A 47 8.50 0.85 17.77
N GLU A 48 8.22 0.92 19.06
CA GLU A 48 6.93 1.44 19.55
C GLU A 48 6.68 2.92 19.24
N PHE A 49 7.72 3.69 18.82
CA PHE A 49 7.57 5.10 18.49
C PHE A 49 6.46 5.32 17.45
N GLY A 50 6.24 4.38 16.56
CA GLY A 50 5.21 4.47 15.55
C GLY A 50 5.10 3.08 14.95
N LEU A 51 3.92 2.48 14.92
CA LEU A 51 3.83 1.13 14.37
C LEU A 51 3.57 1.01 12.88
N LEU A 52 3.25 2.11 12.25
CA LEU A 52 2.94 2.08 10.84
C LEU A 52 4.21 2.27 10.00
N GLY A 53 4.69 1.20 9.41
CA GLY A 53 5.89 1.32 8.59
C GLY A 53 5.57 1.59 7.11
N ASN A 54 4.29 1.35 6.69
CA ASN A 54 3.83 1.47 5.32
C ASN A 54 2.63 2.36 5.13
N PRO A 55 2.84 3.66 5.24
CA PRO A 55 1.73 4.54 5.10
C PRO A 55 1.00 4.51 3.77
N TYR A 56 1.62 4.04 2.67
CA TYR A 56 0.86 4.00 1.45
C TYR A 56 -0.28 2.99 1.58
N VAL A 57 0.04 1.88 2.31
CA VAL A 57 -0.95 0.82 2.49
C VAL A 57 -2.08 1.26 3.48
N ALA A 58 -1.69 1.93 4.57
CA ALA A 58 -2.69 2.45 5.53
C ALA A 58 -3.51 3.54 4.83
N ALA A 59 -2.86 4.40 4.01
CA ALA A 59 -3.61 5.41 3.29
C ALA A 59 -4.63 4.76 2.36
N ALA A 60 -4.23 3.66 1.68
CA ALA A 60 -5.14 2.98 0.78
C ALA A 60 -6.41 2.54 1.53
N HIS A 61 -6.16 1.99 2.74
CA HIS A 61 -7.31 1.51 3.54
C HIS A 61 -8.30 2.62 3.93
N LEU A 62 -7.73 3.71 4.43
CA LEU A 62 -8.54 4.83 4.83
C LEU A 62 -9.25 5.46 3.64
N LEU A 63 -8.50 5.62 2.51
CA LEU A 63 -9.14 6.18 1.31
C LEU A 63 -10.26 5.24 0.81
N GLY A 64 -10.05 3.92 0.93
CA GLY A 64 -11.08 3.03 0.46
C GLY A 64 -12.36 3.15 1.28
N ALA A 65 -12.15 3.46 2.55
CA ALA A 65 -13.28 3.57 3.51
C ALA A 65 -14.02 4.91 3.47
N THR A 66 -13.54 5.87 2.66
CA THR A 66 -14.13 7.20 2.59
C THR A 66 -14.40 7.65 1.21
N GLU A 67 -15.02 8.82 1.10
CA GLU A 67 -15.35 9.34 -0.20
C GLU A 67 -14.76 10.70 -0.53
N THR A 68 -14.77 11.57 0.47
CA THR A 68 -14.27 12.93 0.26
C THR A 68 -13.06 13.30 1.09
N LEU A 69 -12.72 12.45 2.04
CA LEU A 69 -11.57 12.70 2.88
C LEU A 69 -10.25 12.59 2.08
N ASN A 70 -9.28 13.51 2.32
CA ASN A 70 -7.99 13.38 1.67
C ASN A 70 -7.10 12.68 2.68
N VAL A 71 -6.17 11.88 2.22
CA VAL A 71 -5.27 11.19 3.12
C VAL A 71 -3.81 11.40 2.61
N GLY A 72 -2.90 11.76 3.51
CA GLY A 72 -1.53 12.00 3.12
C GLY A 72 -0.53 11.33 4.03
N THR A 73 0.73 11.34 3.63
CA THR A 73 1.83 10.76 4.38
C THR A 73 2.60 11.92 4.89
N ALA A 74 3.03 11.86 6.14
CA ALA A 74 3.81 12.92 6.73
C ALA A 74 4.74 12.28 7.69
N ALA A 75 5.74 11.60 7.13
CA ALA A 75 5.93 11.57 5.71
C ALA A 75 6.63 10.30 5.36
N ILE A 76 6.60 9.97 4.06
CA ILE A 76 7.31 8.79 3.61
C ILE A 76 8.80 9.09 3.73
N VAL A 77 9.59 8.09 4.15
CA VAL A 77 11.05 8.21 4.22
C VAL A 77 11.45 7.78 2.79
N LEU A 78 11.62 8.81 1.96
CA LEU A 78 11.90 8.57 0.54
C LEU A 78 12.99 7.56 0.10
N PRO A 79 14.20 7.77 0.62
CA PRO A 79 15.34 6.94 0.24
C PRO A 79 15.32 5.44 0.46
N THR A 80 14.58 4.97 1.49
CA THR A 80 14.57 3.57 1.87
C THR A 80 13.73 2.58 1.09
N ALA A 81 13.13 3.04 0.01
CA ALA A 81 12.35 2.15 -0.81
C ALA A 81 12.63 2.44 -2.30
N HIS A 82 12.45 1.43 -3.15
CA HIS A 82 12.70 1.56 -4.57
C HIS A 82 11.81 2.64 -5.17
N PRO A 83 12.38 3.65 -5.85
CA PRO A 83 11.58 4.72 -6.39
C PRO A 83 10.53 4.31 -7.37
N VAL A 84 10.78 3.20 -8.12
CA VAL A 84 9.81 2.75 -9.10
C VAL A 84 8.59 2.13 -8.39
N ARG A 85 8.86 1.36 -7.34
CA ARG A 85 7.77 0.75 -6.61
C ARG A 85 6.95 1.88 -5.94
N GLN A 86 7.64 2.90 -5.43
CA GLN A 86 6.92 4.00 -4.79
C GLN A 86 6.10 4.75 -5.83
N ALA A 87 6.59 4.92 -7.08
CA ALA A 87 5.78 5.63 -8.06
C ALA A 87 4.52 4.86 -8.40
N GLU A 88 4.64 3.54 -8.45
CA GLU A 88 3.48 2.68 -8.75
C GLU A 88 2.48 2.87 -7.59
N ASP A 89 2.98 2.83 -6.36
CA ASP A 89 2.11 3.01 -5.14
C ASP A 89 1.34 4.33 -5.20
N VAL A 90 2.08 5.42 -5.43
CA VAL A 90 1.45 6.73 -5.46
C VAL A 90 0.40 6.83 -6.57
N ASN A 91 0.73 6.35 -7.80
CA ASN A 91 -0.25 6.46 -8.87
C ASN A 91 -1.47 5.61 -8.60
N LEU A 92 -1.23 4.44 -7.92
CA LEU A 92 -2.39 3.57 -7.57
C LEU A 92 -3.28 4.31 -6.55
N LEU A 93 -2.64 4.91 -5.54
CA LEU A 93 -3.46 5.65 -4.56
C LEU A 93 -4.27 6.79 -5.22
N ASP A 94 -3.58 7.54 -6.10
CA ASP A 94 -4.12 8.65 -6.84
C ASP A 94 -5.32 8.22 -7.67
N GLN A 95 -5.16 7.13 -8.42
CA GLN A 95 -6.21 6.61 -9.21
C GLN A 95 -7.37 6.02 -8.39
N MET A 96 -7.06 5.09 -7.47
CA MET A 96 -8.15 4.49 -6.68
C MET A 96 -9.05 5.53 -5.92
N SER A 97 -8.37 6.52 -5.33
CA SER A 97 -9.07 7.54 -4.56
C SER A 97 -9.56 8.71 -5.38
N LYS A 98 -9.25 8.72 -6.66
CA LYS A 98 -9.69 9.82 -7.46
C LYS A 98 -9.11 11.16 -6.99
N GLY A 99 -7.80 11.20 -6.80
CA GLY A 99 -7.05 12.42 -6.46
C GLY A 99 -7.04 12.89 -5.00
N ARG A 100 -7.34 11.99 -4.04
CA ARG A 100 -7.39 12.37 -2.63
C ARG A 100 -6.14 12.05 -1.83
N PHE A 101 -5.12 11.53 -2.50
CA PHE A 101 -3.90 11.20 -1.83
C PHE A 101 -2.91 12.41 -1.89
N ARG A 102 -2.21 12.64 -0.78
CA ARG A 102 -1.25 13.74 -0.62
C ARG A 102 0.05 13.08 -0.23
N PHE A 103 1.06 13.36 -1.05
CA PHE A 103 2.34 12.73 -0.91
C PHE A 103 3.39 13.50 -0.17
N GLY A 104 3.38 13.38 1.17
CA GLY A 104 4.38 14.05 2.02
C GLY A 104 5.68 13.19 2.07
N ILE A 105 6.85 13.80 1.88
CA ILE A 105 8.14 13.08 1.87
C ILE A 105 9.20 13.67 2.78
N CYS A 106 10.15 12.85 3.13
CA CYS A 106 11.25 13.30 3.96
C CYS A 106 12.46 12.44 3.66
N ARG A 107 13.60 12.95 4.16
CA ARG A 107 14.95 12.36 4.04
C ARG A 107 15.09 11.07 4.87
N GLY A 108 14.56 11.06 6.10
CA GLY A 108 14.66 9.89 6.98
C GLY A 108 15.57 10.22 8.16
N LEU A 109 15.11 9.99 9.37
CA LEU A 109 15.90 10.31 10.56
C LEU A 109 16.63 9.16 11.21
N TYR A 110 16.16 7.95 11.04
CA TYR A 110 16.73 6.79 11.74
C TYR A 110 17.62 5.82 10.99
N ASP A 111 18.81 5.67 11.52
CA ASP A 111 19.72 4.81 10.90
C ASP A 111 19.27 3.38 10.73
N LYS A 112 18.43 2.92 11.66
CA LYS A 112 17.95 1.54 11.59
C LYS A 112 17.28 1.25 10.27
N ASP A 113 16.53 2.24 9.76
CA ASP A 113 15.82 2.01 8.50
C ASP A 113 16.73 1.76 7.33
N PHE A 114 17.79 2.59 7.29
CA PHE A 114 18.80 2.49 6.23
C PHE A 114 19.51 1.13 6.33
N ARG A 115 19.85 0.80 7.57
CA ARG A 115 20.53 -0.44 7.85
C ARG A 115 19.77 -1.69 7.37
N VAL A 116 18.48 -1.79 7.72
CA VAL A 116 17.68 -2.92 7.32
C VAL A 116 17.29 -2.95 5.86
N PHE A 117 16.92 -1.76 5.35
CA PHE A 117 16.45 -1.64 3.98
C PHE A 117 17.55 -1.57 2.94
N GLY A 118 18.79 -1.51 3.48
CA GLY A 118 20.02 -1.49 2.70
C GLY A 118 20.30 -0.17 1.99
N THR A 119 20.18 0.95 2.67
CA THR A 119 20.43 2.23 2.06
C THR A 119 21.54 2.91 2.84
N ASP A 120 22.25 3.87 2.23
CA ASP A 120 23.31 4.56 2.94
C ASP A 120 22.79 5.87 3.50
N MET A 121 22.56 5.88 4.82
CA MET A 121 22.05 7.08 5.45
C MET A 121 22.90 8.30 5.20
N ASP A 122 24.18 8.07 4.96
CA ASP A 122 25.11 9.15 4.69
C ASP A 122 24.75 9.89 3.45
N ASN A 123 23.96 9.22 2.59
CA ASN A 123 23.58 9.88 1.34
C ASN A 123 22.12 10.20 1.27
N SER A 124 21.47 10.23 2.39
CA SER A 124 20.05 10.51 2.38
C SER A 124 19.62 11.73 1.55
N ARG A 125 20.34 12.83 1.64
CA ARG A 125 19.95 14.01 0.85
C ARG A 125 19.94 13.74 -0.64
N ALA A 126 21.06 13.18 -1.16
CA ALA A 126 21.23 12.88 -2.59
C ALA A 126 20.18 11.88 -3.07
N LEU A 127 19.95 10.90 -2.20
CA LEU A 127 18.96 9.87 -2.50
C LEU A 127 17.54 10.44 -2.60
N MET A 128 17.17 11.29 -1.62
CA MET A 128 15.85 11.89 -1.68
C MET A 128 15.67 12.68 -2.98
N ASP A 129 16.71 13.51 -3.29
CA ASP A 129 16.66 14.30 -4.52
C ASP A 129 16.57 13.42 -5.77
N CYS A 130 17.39 12.35 -5.80
CA CYS A 130 17.40 11.45 -6.96
C CYS A 130 16.08 10.74 -7.18
N TRP A 131 15.58 10.15 -6.06
CA TRP A 131 14.31 9.41 -6.09
C TRP A 131 13.17 10.31 -6.53
N TYR A 132 13.18 11.52 -6.01
CA TYR A 132 12.11 12.48 -6.39
C TYR A 132 12.13 12.76 -7.91
N ASP A 133 13.33 12.97 -8.47
CA ASP A 133 13.40 13.24 -9.92
C ASP A 133 12.89 12.03 -10.71
N LEU A 134 13.23 10.81 -10.26
CA LEU A 134 12.76 9.64 -10.99
C LEU A 134 11.25 9.51 -10.88
N MET A 135 10.69 9.68 -9.65
CA MET A 135 9.22 9.57 -9.51
C MET A 135 8.50 10.62 -10.30
N LYS A 136 8.99 11.84 -10.23
CA LYS A 136 8.35 12.91 -10.97
C LYS A 136 8.37 12.65 -12.50
N GLU A 137 9.47 12.06 -12.97
CA GLU A 137 9.54 11.72 -14.38
C GLU A 137 8.43 10.74 -14.70
N GLY A 138 8.24 9.75 -13.81
CA GLY A 138 7.16 8.79 -14.07
C GLY A 138 5.80 9.45 -14.05
N PHE A 139 5.60 10.30 -13.05
CA PHE A 139 4.31 10.99 -12.92
C PHE A 139 4.02 11.81 -14.17
N ASN A 140 5.07 12.49 -14.66
CA ASN A 140 4.87 13.35 -15.80
C ASN A 140 4.84 12.68 -17.13
N GLU A 141 5.69 11.69 -17.30
CA GLU A 141 5.80 11.05 -18.59
C GLU A 141 5.21 9.68 -18.78
N GLY A 142 4.97 8.93 -17.72
CA GLY A 142 4.41 7.58 -17.86
C GLY A 142 5.49 6.51 -18.01
N TYR A 143 6.74 6.92 -17.87
CA TYR A 143 7.88 6.05 -17.99
C TYR A 143 8.95 6.57 -17.09
N ILE A 144 9.84 5.68 -16.73
CA ILE A 144 10.96 6.08 -15.90
C ILE A 144 12.22 5.31 -16.36
N ALA A 145 13.42 5.94 -16.35
CA ALA A 145 14.69 5.29 -16.69
C ALA A 145 15.73 5.90 -15.78
N ALA A 146 16.72 5.13 -15.40
CA ALA A 146 17.77 5.64 -14.54
C ALA A 146 19.17 5.11 -14.92
N ASP A 147 20.12 5.99 -14.82
CA ASP A 147 21.49 5.63 -15.10
C ASP A 147 22.30 6.68 -14.38
N ASN A 148 22.47 6.48 -13.09
CA ASN A 148 23.22 7.43 -12.28
C ASN A 148 24.02 6.69 -11.26
N GLU A 149 24.65 7.45 -10.38
CA GLU A 149 25.48 6.88 -9.37
C GLU A 149 24.72 6.21 -8.27
N HIS A 150 23.45 6.57 -8.15
CA HIS A 150 22.70 5.94 -7.10
C HIS A 150 21.96 4.73 -7.54
N ILE A 151 21.48 4.81 -8.77
CA ILE A 151 20.69 3.73 -9.35
C ILE A 151 20.74 3.74 -10.85
N LYS A 152 20.48 2.52 -11.39
CA LYS A 152 20.45 2.22 -12.81
C LYS A 152 19.42 1.18 -13.17
N PHE A 153 18.64 1.45 -14.16
CA PHE A 153 17.62 0.51 -14.64
C PHE A 153 17.12 0.99 -15.97
N PRO A 154 16.67 0.06 -16.80
CA PRO A 154 16.20 0.42 -18.09
C PRO A 154 14.87 1.15 -18.11
N LYS A 155 14.58 1.87 -19.18
CA LYS A 155 13.36 2.59 -19.31
C LYS A 155 12.17 1.64 -19.28
N ILE A 156 11.19 1.95 -18.41
CA ILE A 156 10.00 1.09 -18.29
C ILE A 156 8.74 1.93 -18.32
N GLN A 157 7.68 1.28 -18.73
CA GLN A 157 6.39 1.93 -18.73
C GLN A 157 5.94 1.88 -17.24
N LEU A 158 5.49 3.00 -16.69
CA LEU A 158 5.03 3.06 -15.30
C LEU A 158 3.49 2.98 -15.28
N ASN A 159 2.93 1.96 -14.60
CA ASN A 159 1.49 1.83 -14.49
C ASN A 159 1.10 2.08 -13.01
N PRO A 160 -0.13 2.57 -12.79
CA PRO A 160 -1.05 3.00 -13.81
C PRO A 160 -0.61 4.50 -14.09
N SER A 161 -1.37 5.23 -14.90
CA SER A 161 -1.04 6.63 -15.12
C SER A 161 -1.49 7.45 -13.91
N ALA A 162 -0.91 8.61 -13.73
CA ALA A 162 -1.27 9.50 -12.62
C ALA A 162 -2.70 10.03 -12.88
N TYR A 163 -3.50 10.12 -11.81
CA TYR A 163 -4.86 10.64 -11.93
C TYR A 163 -4.77 12.20 -11.92
N THR A 164 -3.90 12.69 -11.06
CA THR A 164 -3.65 14.12 -10.88
C THR A 164 -2.52 14.47 -11.84
N GLN A 165 -2.76 15.52 -12.63
CA GLN A 165 -1.73 15.97 -13.58
C GLN A 165 -0.44 16.24 -12.82
N GLY A 166 0.65 15.59 -13.21
CA GLY A 166 1.93 15.77 -12.54
C GLY A 166 2.14 14.91 -11.30
N GLY A 167 1.17 14.03 -11.05
CA GLY A 167 1.27 13.14 -9.91
C GLY A 167 0.61 13.74 -8.65
N ALA A 168 0.38 12.89 -7.64
CA ALA A 168 -0.26 13.39 -6.40
C ALA A 168 0.51 14.53 -5.85
N PRO A 169 -0.18 15.50 -5.29
CA PRO A 169 0.50 16.66 -4.75
C PRO A 169 1.55 16.30 -3.71
N VAL A 170 2.78 16.80 -3.87
CA VAL A 170 3.87 16.52 -2.96
C VAL A 170 3.99 17.59 -1.89
N TYR A 171 4.33 17.16 -0.69
CA TYR A 171 4.54 18.02 0.47
C TYR A 171 5.87 17.64 1.07
N VAL A 172 6.61 18.58 1.67
CA VAL A 172 7.86 18.24 2.23
C VAL A 172 8.06 18.63 3.67
N VAL A 173 8.63 17.66 4.44
CA VAL A 173 8.98 17.92 5.84
C VAL A 173 10.40 18.43 5.71
N ALA A 174 10.60 19.74 5.87
CA ALA A 174 11.92 20.34 5.71
C ALA A 174 12.63 20.49 7.04
N GLU A 175 13.60 19.59 7.30
CA GLU A 175 14.30 19.60 8.57
C GLU A 175 15.54 20.45 8.63
N SER A 176 15.94 20.96 7.48
CA SER A 176 17.12 21.77 7.33
C SER A 176 16.90 22.90 6.33
N ALA A 177 17.77 23.91 6.41
CA ALA A 177 17.67 25.03 5.51
C ALA A 177 17.78 24.53 4.08
N SER A 178 18.68 23.56 3.92
CA SER A 178 18.91 23.00 2.61
C SER A 178 17.65 22.28 2.15
N THR A 179 16.95 21.65 3.07
CA THR A 179 15.72 21.01 2.63
C THR A 179 14.68 22.08 2.27
N THR A 180 14.66 23.17 3.02
CA THR A 180 13.75 24.22 2.73
C THR A 180 14.02 24.75 1.34
N GLU A 181 15.33 24.91 1.05
CA GLU A 181 15.69 25.44 -0.28
C GLU A 181 15.30 24.49 -1.41
N TRP A 182 15.55 23.19 -1.18
CA TRP A 182 15.24 22.17 -2.14
C TRP A 182 13.75 22.22 -2.49
N ALA A 183 12.92 22.37 -1.44
CA ALA A 183 11.47 22.43 -1.66
C ALA A 183 11.05 23.67 -2.46
N ALA A 184 11.67 24.80 -2.09
CA ALA A 184 11.40 26.07 -2.74
C ALA A 184 11.73 26.07 -4.26
N GLU A 185 12.86 25.43 -4.60
CA GLU A 185 13.27 25.33 -6.00
C GLU A 185 12.25 24.57 -6.82
N ARG A 186 11.43 23.74 -6.16
CA ARG A 186 10.43 22.98 -6.87
C ARG A 186 9.01 23.49 -6.59
N GLY A 187 8.89 24.57 -5.80
CA GLY A 187 7.62 25.17 -5.49
C GLY A 187 6.70 24.25 -4.68
N LEU A 188 7.30 23.38 -3.90
CA LEU A 188 6.56 22.39 -3.08
C LEU A 188 6.23 22.92 -1.70
N PRO A 189 5.01 22.70 -1.24
CA PRO A 189 4.62 23.16 0.10
C PRO A 189 5.36 22.38 1.18
N MET A 190 5.59 23.06 2.31
CA MET A 190 6.25 22.41 3.44
C MET A 190 5.26 22.18 4.58
N ILE A 191 5.61 21.18 5.36
CA ILE A 191 4.87 20.84 6.58
C ILE A 191 5.84 21.29 7.67
N LEU A 192 5.51 22.43 8.31
CA LEU A 192 6.31 23.03 9.34
C LEU A 192 6.31 22.27 10.67
N SER A 193 7.48 22.26 11.32
CA SER A 193 7.68 21.58 12.60
C SER A 193 6.85 22.24 13.73
N TRP A 194 6.44 21.38 14.68
CA TRP A 194 5.65 21.87 15.81
C TRP A 194 6.57 22.25 16.97
N ILE A 195 7.88 22.04 16.83
CA ILE A 195 8.78 22.38 17.92
C ILE A 195 9.62 23.62 17.71
N ILE A 196 9.25 24.46 16.71
CA ILE A 196 9.96 25.73 16.47
C ILE A 196 8.95 26.81 16.79
N ASN A 197 9.38 28.00 17.18
CA ASN A 197 8.44 29.04 17.52
C ASN A 197 8.00 29.88 16.33
N THR A 198 7.12 30.86 16.55
CA THR A 198 6.64 31.70 15.44
C THR A 198 7.76 32.35 14.61
N HIS A 199 8.74 32.87 15.34
CA HIS A 199 9.85 33.55 14.72
C HIS A 199 10.62 32.64 13.78
N GLU A 200 10.81 31.44 14.25
CA GLU A 200 11.51 30.47 13.47
C GLU A 200 10.72 30.01 12.24
N LYS A 201 9.40 29.97 12.39
CA LYS A 201 8.53 29.55 11.31
C LYS A 201 8.55 30.63 10.22
N LYS A 202 8.49 31.90 10.66
CA LYS A 202 8.51 33.00 9.74
C LYS A 202 9.83 33.06 9.02
N ALA A 203 10.92 32.77 9.73
CA ALA A 203 12.25 32.79 9.12
C ALA A 203 12.36 31.75 8.04
N GLN A 204 11.90 30.55 8.38
CA GLN A 204 11.93 29.45 7.44
C GLN A 204 11.16 29.77 6.19
N LEU A 205 9.98 30.37 6.32
CA LEU A 205 9.20 30.71 5.17
C LEU A 205 9.83 31.86 4.41
N ASP A 206 10.59 32.71 5.11
CA ASP A 206 11.24 33.82 4.43
C ASP A 206 12.36 33.25 3.52
N LEU A 207 13.07 32.27 4.02
CA LEU A 207 14.13 31.65 3.26
C LEU A 207 13.53 30.98 2.06
N TYR A 208 12.45 30.27 2.29
CA TYR A 208 11.76 29.58 1.25
C TYR A 208 11.28 30.51 0.16
N ASN A 209 10.66 31.62 0.53
CA ASN A 209 10.09 32.52 -0.43
C ASN A 209 11.05 33.21 -1.37
N GLU A 210 12.20 33.44 -0.81
CA GLU A 210 13.28 34.07 -1.53
C GLU A 210 13.59 33.16 -2.69
N VAL A 211 13.78 31.88 -2.41
CA VAL A 211 14.08 30.94 -3.46
C VAL A 211 12.94 30.71 -4.44
N ALA A 212 11.76 30.43 -3.91
CA ALA A 212 10.65 30.17 -4.77
C ALA A 212 10.37 31.30 -5.72
N THR A 213 10.48 32.49 -5.18
CA THR A 213 10.21 33.65 -5.99
C THR A 213 11.20 33.74 -7.16
N GLU A 214 12.44 33.45 -6.83
CA GLU A 214 13.48 33.50 -7.82
C GLU A 214 13.17 32.55 -8.95
N HIS A 215 12.48 31.45 -8.59
CA HIS A 215 12.13 30.46 -9.57
C HIS A 215 10.86 30.76 -10.31
N GLY A 216 10.16 31.79 -9.89
CA GLY A 216 8.97 32.08 -10.60
C GLY A 216 7.70 31.54 -9.96
N TYR A 217 7.80 30.93 -8.78
CA TYR A 217 6.54 30.43 -8.20
C TYR A 217 5.82 31.54 -7.48
N ASP A 218 4.50 31.49 -7.44
CA ASP A 218 3.69 32.48 -6.72
C ASP A 218 3.64 31.97 -5.26
N VAL A 219 4.42 32.56 -4.37
CA VAL A 219 4.48 32.10 -3.02
C VAL A 219 3.15 32.17 -2.27
N THR A 220 2.19 32.93 -2.75
CA THR A 220 0.92 33.01 -2.05
C THR A 220 0.01 31.85 -2.29
N LYS A 221 0.33 31.02 -3.24
CA LYS A 221 -0.55 29.93 -3.50
C LYS A 221 0.04 28.59 -3.11
N ILE A 222 1.14 28.57 -2.41
CA ILE A 222 1.73 27.28 -2.04
C ILE A 222 1.05 26.83 -0.69
N ASP A 223 0.50 25.59 -0.64
CA ASP A 223 -0.24 25.06 0.51
C ASP A 223 0.60 24.60 1.72
N HIS A 224 1.43 25.46 2.28
CA HIS A 224 2.25 25.08 3.42
C HIS A 224 1.31 24.77 4.60
N CYS A 225 1.80 23.91 5.48
CA CYS A 225 1.02 23.53 6.64
C CYS A 225 1.72 23.83 7.94
N LEU A 226 0.91 24.27 8.92
CA LEU A 226 1.43 24.50 10.26
C LEU A 226 1.08 23.18 11.03
N SER A 227 2.04 22.60 11.71
CA SER A 227 1.78 21.37 12.44
C SER A 227 1.80 21.68 13.92
N TYR A 228 0.95 20.97 14.66
CA TYR A 228 0.88 21.20 16.08
C TYR A 228 0.55 19.97 16.90
N ILE A 229 1.06 19.98 18.15
CA ILE A 229 0.70 18.98 19.15
C ILE A 229 -0.56 19.70 19.77
N THR A 230 -1.74 19.04 19.77
CA THR A 230 -3.01 19.65 20.21
C THR A 230 -3.73 18.91 21.34
N SER A 231 -4.09 19.71 22.36
CA SER A 231 -4.80 19.23 23.55
C SER A 231 -5.68 20.34 24.02
N VAL A 232 -6.98 20.21 23.72
CA VAL A 232 -8.00 21.22 24.04
C VAL A 232 -8.84 20.76 25.24
N ASP A 233 -8.93 21.64 26.26
CA ASP A 233 -9.69 21.35 27.45
C ASP A 233 -10.01 22.63 28.16
N HIS A 234 -11.28 22.75 28.60
CA HIS A 234 -11.66 23.93 29.35
C HIS A 234 -10.79 24.10 30.60
N ASP A 235 -10.16 23.01 31.06
CA ASP A 235 -9.26 23.05 32.19
C ASP A 235 -7.83 23.13 31.61
N SER A 236 -7.30 24.32 31.56
CA SER A 236 -6.02 24.55 31.01
C SER A 236 -4.94 23.68 31.52
N ASN A 237 -4.79 23.67 32.84
CA ASN A 237 -3.74 22.86 33.44
C ASN A 237 -3.83 21.38 33.21
N ARG A 238 -5.06 20.90 33.11
CA ARG A 238 -5.30 19.52 32.86
C ARG A 238 -4.68 19.19 31.48
N ALA A 239 -5.05 19.94 30.45
CA ALA A 239 -4.50 19.70 29.10
C ALA A 239 -2.96 19.67 29.11
N LYS A 240 -2.41 20.66 29.81
CA LYS A 240 -0.98 20.80 29.93
C LYS A 240 -0.32 19.62 30.67
N ASP A 241 -0.93 19.11 31.72
CA ASP A 241 -0.32 18.00 32.45
C ASP A 241 -0.30 16.78 31.61
N ILE A 242 -1.41 16.56 30.94
CA ILE A 242 -1.57 15.38 30.04
C ILE A 242 -0.51 15.43 28.94
N CYS A 243 -0.41 16.61 28.34
CA CYS A 243 0.55 16.81 27.30
C CYS A 243 2.00 16.57 27.75
N ARG A 244 2.34 17.15 28.88
CA ARG A 244 3.67 16.97 29.44
C ARG A 244 3.93 15.51 29.82
N ASN A 245 2.95 14.84 30.43
CA ASN A 245 3.16 13.46 30.80
C ASN A 245 3.41 12.60 29.55
N PHE A 246 2.59 12.81 28.55
CA PHE A 246 2.70 12.09 27.32
C PHE A 246 4.03 12.26 26.63
N LEU A 247 4.47 13.49 26.50
CA LEU A 247 5.72 13.78 25.82
C LEU A 247 6.90 13.14 26.54
N GLY A 248 6.70 12.87 27.81
CA GLY A 248 7.75 12.26 28.58
C GLY A 248 8.03 10.88 27.97
N HIS A 249 6.99 10.10 27.95
CA HIS A 249 7.07 8.78 27.42
C HIS A 249 7.47 8.74 25.93
N TRP A 250 6.90 9.65 25.20
CA TRP A 250 7.16 9.73 23.80
C TRP A 250 8.58 10.13 23.47
N TYR A 251 9.15 11.12 24.18
CA TYR A 251 10.52 11.52 23.88
C TYR A 251 11.51 10.35 24.12
N ASP A 252 11.24 9.59 25.19
CA ASP A 252 12.10 8.48 25.51
C ASP A 252 12.07 7.47 24.39
N SER A 253 10.87 7.26 23.85
CA SER A 253 10.70 6.29 22.80
C SER A 253 11.46 6.73 21.55
N TYR A 254 11.50 8.02 21.37
CA TYR A 254 12.22 8.66 20.26
C TYR A 254 13.71 8.37 20.34
N VAL A 255 14.27 8.63 21.52
CA VAL A 255 15.69 8.41 21.76
C VAL A 255 16.09 6.93 21.56
N ASN A 256 15.20 6.08 22.05
CA ASN A 256 15.39 4.66 21.94
C ASN A 256 15.46 4.25 20.47
N ALA A 257 14.54 4.78 19.65
CA ALA A 257 14.50 4.49 18.22
C ALA A 257 15.80 4.93 17.48
N THR A 258 16.49 5.93 17.98
CA THR A 258 17.71 6.41 17.36
C THR A 258 18.89 5.54 17.69
N LYS A 259 18.74 4.68 18.67
CA LYS A 259 19.85 3.86 19.08
C LYS A 259 19.65 2.35 19.05
N ILE A 260 18.52 1.84 18.54
CA ILE A 260 18.24 0.40 18.51
C ILE A 260 19.37 -0.58 18.20
N PHE A 261 20.32 -0.14 17.41
CA PHE A 261 21.42 -1.01 17.07
C PHE A 261 22.70 -0.39 17.63
N ARG A 291 13.19 21.75 24.60
CA ARG A 291 12.78 21.80 23.19
C ARG A 291 11.38 21.22 23.01
N ILE A 292 11.32 19.93 23.20
CA ILE A 292 10.10 19.22 23.11
C ILE A 292 9.39 19.54 24.42
N ASP A 293 10.22 19.79 25.40
CA ASP A 293 9.68 20.14 26.68
C ASP A 293 8.86 21.44 26.77
N TYR A 294 9.35 22.55 26.21
CA TYR A 294 8.64 23.84 26.23
C TYR A 294 7.53 23.90 25.15
N SER A 295 7.56 22.83 24.33
CA SER A 295 6.69 22.62 23.22
C SER A 295 5.27 23.07 23.50
N TYR A 296 4.79 22.60 24.64
CA TYR A 296 3.47 22.92 25.11
C TYR A 296 3.22 24.42 25.09
N GLU A 297 4.27 25.17 25.36
CA GLU A 297 4.06 26.58 25.36
C GLU A 297 3.82 27.19 23.99
N ILE A 298 4.28 26.50 22.93
CA ILE A 298 4.11 27.08 21.58
C ILE A 298 3.15 26.32 20.73
N ASN A 299 2.32 25.51 21.39
CA ASN A 299 1.36 24.67 20.73
C ASN A 299 0.01 24.90 21.36
N PRO A 300 -1.07 24.54 20.61
CA PRO A 300 -2.47 24.69 21.06
C PRO A 300 -2.77 23.61 22.14
N VAL A 301 -2.27 23.85 23.34
CA VAL A 301 -2.43 22.98 24.48
C VAL A 301 -3.01 23.87 25.60
N GLY A 302 -4.30 23.66 25.95
CA GLY A 302 -4.94 24.48 26.99
C GLY A 302 -6.40 24.75 26.64
N THR A 303 -6.99 25.86 27.08
CA THR A 303 -8.39 26.10 26.72
C THR A 303 -8.51 26.40 25.22
N PRO A 304 -9.70 26.27 24.66
CA PRO A 304 -9.88 26.57 23.22
C PRO A 304 -9.40 28.00 22.94
N GLU A 305 -9.64 28.94 23.86
CA GLU A 305 -9.24 30.32 23.71
C GLU A 305 -7.73 30.46 23.61
N GLU A 306 -7.06 29.66 24.42
CA GLU A 306 -5.60 29.62 24.43
C GLU A 306 -5.12 29.08 23.07
N CYS A 307 -5.79 28.05 22.59
CA CYS A 307 -5.46 27.39 21.30
C CYS A 307 -5.66 28.37 20.18
N ILE A 308 -6.74 29.13 20.20
CA ILE A 308 -6.98 30.11 19.17
C ILE A 308 -5.85 31.14 19.11
N ALA A 309 -5.49 31.59 20.29
CA ALA A 309 -4.45 32.59 20.36
C ALA A 309 -3.13 32.15 19.76
N ILE A 310 -2.67 30.95 20.13
CA ILE A 310 -1.39 30.40 19.63
C ILE A 310 -1.41 30.22 18.11
N ILE A 311 -2.42 29.57 17.60
CA ILE A 311 -2.52 29.31 16.18
C ILE A 311 -2.66 30.60 15.36
N GLN A 312 -3.49 31.52 15.82
CA GLN A 312 -3.68 32.76 15.09
C GLN A 312 -2.38 33.58 15.04
N GLN A 313 -1.56 33.46 16.06
CA GLN A 313 -0.27 34.16 16.11
C GLN A 313 0.59 33.66 14.94
N ASP A 314 0.62 32.34 14.80
CA ASP A 314 1.36 31.73 13.69
C ASP A 314 0.73 32.07 12.36
N ILE A 315 -0.58 32.04 12.21
CA ILE A 315 -1.20 32.40 10.94
C ILE A 315 -0.84 33.82 10.59
N ASP A 316 -0.92 34.67 11.58
CA ASP A 316 -0.64 36.07 11.34
C ASP A 316 0.77 36.32 10.86
N ALA A 317 1.67 35.57 11.38
CA ALA A 317 3.03 35.76 10.98
C ALA A 317 3.37 35.06 9.70
N THR A 318 2.64 34.04 9.36
CA THR A 318 3.00 33.29 8.17
C THR A 318 2.08 33.34 6.99
N GLY A 319 0.84 33.71 7.15
CA GLY A 319 -0.03 33.68 6.00
C GLY A 319 -0.50 32.20 5.70
N ILE A 320 -0.08 31.18 6.49
CA ILE A 320 -0.54 29.82 6.21
C ILE A 320 -2.05 29.66 6.57
N ASP A 321 -2.79 28.84 5.80
CA ASP A 321 -4.21 28.62 6.06
C ASP A 321 -4.53 27.12 6.15
N ASN A 322 -3.55 26.30 6.47
CA ASN A 322 -3.74 24.85 6.55
C ASN A 322 -3.16 24.46 7.88
N ILE A 323 -4.06 24.09 8.79
CA ILE A 323 -3.69 23.76 10.16
C ILE A 323 -3.76 22.26 10.44
N CYS A 324 -2.61 21.69 10.76
CA CYS A 324 -2.48 20.26 10.99
C CYS A 324 -2.20 19.94 12.43
N CYS A 325 -3.09 19.18 13.05
CA CYS A 325 -2.92 18.89 14.46
C CYS A 325 -2.91 17.41 14.81
N GLY A 326 -2.12 17.07 15.83
CA GLY A 326 -2.01 15.71 16.35
C GLY A 326 -2.65 15.71 17.71
N PHE A 327 -3.61 14.81 17.91
CA PHE A 327 -4.36 14.73 19.15
C PHE A 327 -4.09 13.50 19.97
N GLU A 328 -3.16 12.62 19.52
CA GLU A 328 -2.87 11.39 20.25
C GLU A 328 -2.37 11.54 21.67
N ALA A 329 -1.78 12.66 22.01
CA ALA A 329 -1.30 12.78 23.39
C ALA A 329 -2.48 12.78 24.37
N ASN A 330 -3.68 13.02 23.88
CA ASN A 330 -4.88 13.12 24.69
C ASN A 330 -5.39 11.97 25.53
N GLY A 331 -4.96 10.74 25.29
CA GLY A 331 -5.47 9.66 26.14
C GLY A 331 -6.05 8.51 25.37
N SER A 332 -7.21 8.07 25.83
CA SER A 332 -7.86 6.98 25.18
C SER A 332 -8.49 7.49 23.90
N GLU A 333 -8.96 6.58 23.10
CA GLU A 333 -9.61 6.96 21.89
C GLU A 333 -10.78 7.89 22.22
N GLU A 334 -11.47 7.64 23.33
CA GLU A 334 -12.61 8.51 23.68
C GLU A 334 -12.17 9.94 24.01
N GLU A 335 -11.07 10.08 24.71
CA GLU A 335 -10.55 11.36 25.05
C GLU A 335 -9.96 12.07 23.86
N ILE A 336 -9.42 11.28 22.96
CA ILE A 336 -8.83 11.90 21.79
C ILE A 336 -9.97 12.50 20.96
N ILE A 337 -11.01 11.71 20.73
CA ILE A 337 -12.14 12.18 19.98
C ILE A 337 -12.78 13.38 20.65
N ALA A 338 -12.85 13.36 21.99
CA ALA A 338 -13.43 14.46 22.71
C ALA A 338 -12.65 15.73 22.44
N SER A 339 -11.35 15.62 22.47
CA SER A 339 -10.46 16.75 22.20
C SER A 339 -10.64 17.26 20.75
N MET A 340 -10.74 16.32 19.83
CA MET A 340 -10.98 16.68 18.42
C MET A 340 -12.26 17.46 18.29
N LYS A 341 -13.33 16.97 18.96
CA LYS A 341 -14.60 17.66 18.87
C LYS A 341 -14.59 19.06 19.54
N LEU A 342 -13.83 19.19 20.59
CA LEU A 342 -13.79 20.53 21.23
C LEU A 342 -13.03 21.51 20.32
N PHE A 343 -12.00 20.98 19.60
CA PHE A 343 -11.22 21.83 18.70
C PHE A 343 -12.13 22.26 17.61
N GLN A 344 -12.91 21.29 17.10
CA GLN A 344 -13.86 21.52 16.06
C GLN A 344 -14.92 22.58 16.44
N SER A 345 -15.49 22.45 17.63
CA SER A 345 -16.54 23.39 18.00
C SER A 345 -16.10 24.75 18.49
N ASP A 346 -15.01 24.74 19.23
CA ASP A 346 -14.55 25.94 19.86
C ASP A 346 -13.25 26.58 19.37
N VAL A 347 -12.59 25.94 18.40
CA VAL A 347 -11.32 26.48 17.87
C VAL A 347 -11.46 26.79 16.39
N MET A 348 -11.79 25.75 15.63
CA MET A 348 -11.95 25.89 14.20
C MET A 348 -12.66 27.14 13.70
N PRO A 349 -13.87 27.39 14.21
CA PRO A 349 -14.63 28.52 13.70
C PRO A 349 -14.04 29.90 13.86
N TYR A 350 -13.11 30.02 14.76
CA TYR A 350 -12.58 31.33 15.05
C TYR A 350 -11.25 31.72 14.46
N LEU A 351 -10.61 30.76 13.87
CA LEU A 351 -9.35 31.07 13.31
C LEU A 351 -9.63 31.85 12.01
N LYS A 352 -8.83 32.85 11.76
CA LYS A 352 -9.03 33.67 10.58
C LYS A 352 -7.80 33.68 9.65
N GLU A 353 -8.02 33.75 8.33
CA GLU A 353 -6.87 33.83 7.42
C GLU A 353 -6.15 35.16 7.65
N LYS A 354 -4.84 35.20 7.40
CA LYS A 354 -4.04 36.42 7.57
C LYS A 354 -4.65 37.58 6.79
N GLN A 355 -4.72 38.71 7.53
CA GLN A 355 -5.21 40.06 7.18
C GLN A 355 -4.16 40.86 6.41
N MET B 1 -17.08 -26.30 -2.54
CA MET B 1 -16.12 -25.41 -3.17
C MET B 1 -16.48 -23.99 -2.85
N LYS B 2 -15.51 -23.14 -2.66
CA LYS B 2 -15.77 -21.75 -2.39
C LYS B 2 -15.40 -21.04 -3.71
N PHE B 3 -16.04 -19.94 -3.97
CA PHE B 3 -15.84 -19.16 -5.19
C PHE B 3 -15.45 -17.72 -4.92
N GLY B 4 -14.55 -17.15 -5.78
CA GLY B 4 -14.13 -15.78 -5.60
C GLY B 4 -13.83 -15.16 -6.95
N LEU B 5 -13.34 -13.91 -6.93
CA LEU B 5 -13.00 -13.22 -8.17
C LEU B 5 -11.59 -12.76 -8.08
N PHE B 6 -10.97 -12.56 -9.26
CA PHE B 6 -9.62 -12.00 -9.25
C PHE B 6 -9.59 -10.97 -10.35
N PHE B 7 -8.66 -10.05 -10.19
CA PHE B 7 -8.50 -8.97 -11.15
C PHE B 7 -7.08 -8.93 -11.73
N LEU B 8 -7.06 -9.06 -13.06
CA LEU B 8 -5.82 -9.01 -13.85
C LEU B 8 -5.47 -7.55 -14.12
N ASN B 9 -6.51 -6.75 -14.39
CA ASN B 9 -6.34 -5.33 -14.69
C ASN B 9 -5.49 -5.07 -15.95
N PHE B 10 -5.79 -5.82 -17.01
CA PHE B 10 -5.13 -5.65 -18.28
C PHE B 10 -5.67 -4.36 -18.91
N MET B 11 -4.79 -3.56 -19.50
CA MET B 11 -5.24 -2.36 -20.16
C MET B 11 -4.83 -2.50 -21.63
N ASN B 12 -5.33 -1.58 -22.40
CA ASN B 12 -5.01 -1.45 -23.79
C ASN B 12 -5.05 0.02 -24.23
N SER B 13 -4.79 0.23 -25.52
CA SER B 13 -4.80 1.56 -26.07
C SER B 13 -6.21 2.20 -25.91
N LYS B 14 -7.28 1.36 -25.91
CA LYS B 14 -8.68 1.83 -25.74
C LYS B 14 -9.11 1.85 -24.27
N ARG B 15 -8.91 0.72 -23.54
CA ARG B 15 -9.22 0.58 -22.10
C ARG B 15 -8.01 1.07 -21.31
N SER B 16 -7.99 2.35 -20.87
CA SER B 16 -6.85 2.88 -20.16
C SER B 16 -6.68 2.34 -18.75
N SER B 17 -5.50 2.60 -18.17
CA SER B 17 -5.24 2.14 -16.80
C SER B 17 -6.28 2.80 -15.81
N ASP B 18 -6.65 4.03 -16.07
CA ASP B 18 -7.63 4.70 -15.21
C ASP B 18 -8.97 3.95 -15.25
N GLN B 19 -9.38 3.59 -16.47
CA GLN B 19 -10.60 2.90 -16.66
C GLN B 19 -10.58 1.51 -16.03
N VAL B 20 -9.48 0.74 -16.19
CA VAL B 20 -9.53 -0.59 -15.59
C VAL B 20 -9.55 -0.55 -14.09
N ILE B 21 -8.86 0.40 -13.50
CA ILE B 21 -8.87 0.46 -12.07
C ILE B 21 -10.30 0.81 -11.59
N GLU B 22 -10.95 1.73 -12.26
CA GLU B 22 -12.28 2.12 -11.85
C GLU B 22 -13.21 0.93 -11.99
N GLU B 23 -13.00 0.13 -13.04
CA GLU B 23 -13.84 -1.04 -13.26
C GLU B 23 -13.62 -2.08 -12.17
N MET B 24 -12.37 -2.23 -11.72
CA MET B 24 -12.10 -3.17 -10.68
C MET B 24 -12.87 -2.77 -9.39
N LEU B 25 -12.78 -1.49 -9.02
CA LEU B 25 -13.44 -1.02 -7.81
C LEU B 25 -14.95 -1.22 -7.91
N ASP B 26 -15.54 -0.89 -9.04
CA ASP B 26 -16.97 -1.04 -9.21
C ASP B 26 -17.34 -2.50 -9.10
N THR B 27 -16.52 -3.41 -9.67
CA THR B 27 -16.83 -4.81 -9.61
C THR B 27 -16.74 -5.31 -8.20
N ALA B 28 -15.74 -4.84 -7.50
CA ALA B 28 -15.56 -5.23 -6.12
C ALA B 28 -16.80 -4.84 -5.28
N HIS B 29 -17.30 -3.64 -5.49
CA HIS B 29 -18.45 -3.19 -4.74
C HIS B 29 -19.67 -4.08 -5.09
N TYR B 30 -19.79 -4.37 -6.36
CA TYR B 30 -20.88 -5.20 -6.86
C TYR B 30 -20.88 -6.58 -6.25
N VAL B 31 -19.77 -7.25 -6.26
CA VAL B 31 -19.82 -8.60 -5.73
C VAL B 31 -19.69 -8.77 -4.22
N ASP B 32 -19.34 -7.70 -3.51
CA ASP B 32 -19.18 -7.81 -2.07
C ASP B 32 -20.46 -8.32 -1.35
N GLN B 33 -21.57 -8.06 -1.99
CA GLN B 33 -22.82 -8.48 -1.42
C GLN B 33 -23.32 -9.82 -1.94
N LEU B 34 -22.58 -10.49 -2.81
CA LEU B 34 -22.98 -11.77 -3.37
C LEU B 34 -22.35 -12.92 -2.61
N LYS B 35 -22.44 -14.15 -3.15
CA LYS B 35 -21.87 -15.35 -2.53
C LYS B 35 -20.33 -15.50 -2.69
N PHE B 36 -19.69 -14.75 -3.61
CA PHE B 36 -18.22 -14.81 -3.82
C PHE B 36 -17.54 -14.45 -2.54
N ASP B 37 -16.53 -15.20 -2.09
CA ASP B 37 -15.96 -14.85 -0.84
C ASP B 37 -14.59 -14.27 -0.78
N THR B 38 -13.97 -14.10 -1.94
CA THR B 38 -12.64 -13.55 -1.93
C THR B 38 -12.45 -12.71 -3.14
N LEU B 39 -11.66 -11.65 -2.97
CA LEU B 39 -11.33 -10.74 -4.08
C LEU B 39 -9.78 -10.75 -4.15
N ALA B 40 -9.21 -11.25 -5.29
CA ALA B 40 -7.75 -11.30 -5.31
C ALA B 40 -7.20 -10.39 -6.40
N VAL B 41 -6.04 -9.87 -6.08
CA VAL B 41 -5.32 -8.89 -6.96
C VAL B 41 -4.00 -9.43 -7.57
N TYR B 42 -3.98 -9.40 -8.87
CA TYR B 42 -2.80 -9.81 -9.67
C TYR B 42 -1.73 -8.70 -9.77
N GLU B 43 -0.49 -9.10 -9.62
CA GLU B 43 0.65 -8.22 -9.71
C GLU B 43 1.36 -8.39 -11.07
N ASN B 44 1.60 -7.23 -11.72
CA ASN B 44 2.30 -7.10 -13.01
C ASN B 44 3.08 -5.76 -13.00
N HIS B 45 4.25 -5.72 -13.73
CA HIS B 45 4.99 -4.48 -13.83
C HIS B 45 5.38 -4.23 -15.28
N PHE B 46 5.41 -2.92 -15.59
CA PHE B 46 5.91 -2.44 -16.87
C PHE B 46 5.35 -2.91 -18.19
N SER B 47 4.10 -3.36 -18.24
CA SER B 47 3.51 -3.77 -19.50
C SER B 47 2.02 -3.52 -19.36
N ASN B 48 1.29 -3.61 -20.46
CA ASN B 48 -0.13 -3.39 -20.39
C ASN B 48 -0.86 -4.57 -19.77
N ASN B 49 -0.19 -5.70 -19.60
CA ASN B 49 -0.86 -6.89 -19.05
C ASN B 49 -0.91 -6.94 -17.56
N GLY B 50 -1.50 -5.87 -17.05
CA GLY B 50 -1.68 -5.74 -15.64
C GLY B 50 -1.15 -4.42 -15.16
N VAL B 51 -2.08 -3.55 -14.70
CA VAL B 51 -1.68 -2.23 -14.22
C VAL B 51 -1.43 -2.08 -12.72
N VAL B 52 -1.43 -3.20 -11.97
CA VAL B 52 -1.18 -3.13 -10.55
C VAL B 52 0.16 -3.81 -10.21
N GLY B 53 1.14 -3.01 -9.82
CA GLY B 53 2.42 -3.52 -9.45
C GLY B 53 2.53 -3.73 -7.93
N ALA B 54 1.58 -3.12 -7.16
CA ALA B 54 1.55 -3.21 -5.68
C ALA B 54 0.20 -3.78 -5.19
N PRO B 55 0.04 -5.09 -5.33
CA PRO B 55 -1.21 -5.73 -4.93
C PRO B 55 -1.56 -5.51 -3.45
N LEU B 56 -0.59 -5.36 -2.57
CA LEU B 56 -0.91 -5.14 -1.15
C LEU B 56 -1.54 -3.78 -0.95
N THR B 57 -1.06 -2.80 -1.71
CA THR B 57 -1.64 -1.46 -1.62
C THR B 57 -3.09 -1.50 -2.13
N VAL B 58 -3.34 -2.16 -3.25
CA VAL B 58 -4.68 -2.25 -3.74
C VAL B 58 -5.52 -3.07 -2.76
N ALA B 59 -4.96 -4.12 -2.16
CA ALA B 59 -5.73 -4.91 -1.22
C ALA B 59 -6.19 -4.00 -0.07
N GLY B 60 -5.33 -3.09 0.37
CA GLY B 60 -5.71 -2.16 1.45
C GLY B 60 -6.97 -1.35 1.09
N PHE B 61 -7.00 -0.78 -0.11
CA PHE B 61 -8.13 0.01 -0.55
C PHE B 61 -9.35 -0.85 -0.66
N LEU B 62 -9.19 -2.02 -1.31
CA LEU B 62 -10.33 -2.93 -1.46
C LEU B 62 -10.90 -3.32 -0.04
N LEU B 63 -10.03 -3.54 0.93
CA LEU B 63 -10.52 -3.89 2.24
C LEU B 63 -11.28 -2.72 2.84
N GLY B 64 -10.75 -1.50 2.70
CA GLY B 64 -11.45 -0.36 3.28
C GLY B 64 -12.86 -0.13 2.62
N MET B 65 -13.02 -0.46 1.35
CA MET B 65 -14.25 -0.23 0.67
C MET B 65 -15.29 -1.34 0.70
N THR B 66 -14.92 -2.49 1.27
CA THR B 66 -15.87 -3.61 1.31
C THR B 66 -16.04 -4.06 2.75
N LYS B 67 -16.96 -5.02 2.98
CA LYS B 67 -17.18 -5.53 4.35
C LYS B 67 -17.19 -7.04 4.44
N ASN B 68 -17.59 -7.69 3.35
CA ASN B 68 -17.72 -9.11 3.45
C ASN B 68 -16.67 -9.99 2.85
N ALA B 69 -16.26 -9.68 1.64
CA ALA B 69 -15.25 -10.53 0.99
C ALA B 69 -13.90 -10.56 1.66
N LYS B 70 -13.17 -11.69 1.56
CA LYS B 70 -11.82 -11.76 2.06
C LYS B 70 -11.10 -11.06 0.88
N VAL B 71 -9.96 -10.42 1.12
CA VAL B 71 -9.27 -9.76 0.01
C VAL B 71 -7.90 -10.36 0.04
N ALA B 72 -7.39 -10.70 -1.19
CA ALA B 72 -6.05 -11.30 -1.18
C ALA B 72 -5.13 -10.76 -2.28
N SER B 73 -3.84 -10.93 -2.03
CA SER B 73 -2.91 -10.63 -3.08
C SER B 73 -2.97 -12.00 -3.83
N LEU B 74 -2.98 -12.02 -5.15
CA LEU B 74 -3.03 -13.28 -5.86
C LEU B 74 -1.63 -13.92 -6.04
N ASN B 75 -0.62 -13.09 -6.32
CA ASN B 75 0.72 -13.54 -6.58
C ASN B 75 1.76 -12.48 -6.26
N HIS B 76 1.76 -11.99 -5.06
CA HIS B 76 2.72 -11.00 -4.73
C HIS B 76 4.10 -11.62 -4.85
N VAL B 77 4.92 -10.99 -5.72
CA VAL B 77 6.27 -11.48 -6.04
C VAL B 77 7.27 -11.13 -4.97
N ILE B 78 7.56 -12.09 -4.10
CA ILE B 78 8.46 -11.78 -3.06
C ILE B 78 9.90 -11.76 -3.45
N THR B 79 10.25 -12.57 -4.44
CA THR B 79 11.64 -12.65 -4.83
C THR B 79 12.31 -11.35 -5.19
N THR B 80 11.56 -10.42 -5.79
CA THR B 80 12.15 -9.15 -6.22
C THR B 80 11.97 -7.97 -5.22
N HIS B 81 11.41 -8.25 -4.06
CA HIS B 81 11.13 -7.26 -3.06
C HIS B 81 11.83 -7.53 -1.76
N HIS B 82 11.89 -6.49 -0.92
CA HIS B 82 12.52 -6.59 0.40
C HIS B 82 11.52 -7.32 1.31
N PRO B 83 11.91 -8.46 1.83
CA PRO B 83 10.98 -9.25 2.64
C PRO B 83 10.45 -8.52 3.91
N VAL B 84 11.23 -7.58 4.46
CA VAL B 84 10.72 -6.88 5.62
C VAL B 84 9.55 -5.98 5.20
N ARG B 85 9.59 -5.39 3.97
CA ARG B 85 8.49 -4.55 3.50
C ARG B 85 7.26 -5.43 3.34
N VAL B 86 7.44 -6.60 2.74
CA VAL B 86 6.32 -7.49 2.54
C VAL B 86 5.69 -7.91 3.87
N ALA B 87 6.51 -8.31 4.85
CA ALA B 87 5.96 -8.76 6.13
C ALA B 87 5.21 -7.64 6.84
N GLU B 88 5.81 -6.46 6.89
CA GLU B 88 5.19 -5.32 7.53
C GLU B 88 3.84 -5.06 6.89
N GLU B 89 3.80 -4.99 5.56
CA GLU B 89 2.55 -4.73 4.86
C GLU B 89 1.47 -5.75 5.05
N ALA B 90 1.85 -7.03 4.98
CA ALA B 90 0.86 -8.09 5.15
C ALA B 90 0.28 -8.06 6.58
N CYS B 91 1.17 -7.85 7.55
CA CYS B 91 0.75 -7.79 8.96
C CYS B 91 -0.17 -6.59 9.15
N LEU B 92 0.19 -5.49 8.51
CA LEU B 92 -0.60 -4.27 8.59
C LEU B 92 -1.98 -4.51 8.04
N LEU B 93 -2.12 -5.19 6.90
CA LEU B 93 -3.42 -5.44 6.31
C LEU B 93 -4.28 -6.36 7.24
N ASP B 94 -3.57 -7.32 7.85
CA ASP B 94 -4.19 -8.29 8.78
C ASP B 94 -4.77 -7.52 9.98
N GLN B 95 -3.96 -6.59 10.51
CA GLN B 95 -4.37 -5.75 11.64
C GLN B 95 -5.50 -4.81 11.27
N MET B 96 -5.27 -3.94 10.27
CA MET B 96 -6.31 -2.99 9.88
C MET B 96 -7.66 -3.61 9.57
N SER B 97 -7.66 -4.80 8.96
CA SER B 97 -8.91 -5.42 8.61
C SER B 97 -9.37 -6.48 9.60
N GLU B 98 -8.63 -6.64 10.67
CA GLU B 98 -9.00 -7.66 11.66
C GLU B 98 -9.11 -9.05 11.05
N GLY B 99 -8.07 -9.44 10.28
CA GLY B 99 -7.99 -10.76 9.69
C GLY B 99 -8.66 -11.04 8.39
N ARG B 100 -9.06 -10.04 7.59
CA ARG B 100 -9.73 -10.31 6.32
C ARG B 100 -8.81 -10.41 5.10
N PHE B 101 -7.51 -10.35 5.34
CA PHE B 101 -6.53 -10.42 4.24
C PHE B 101 -5.87 -11.78 4.16
N ALA B 102 -5.71 -12.28 2.94
CA ALA B 102 -5.02 -13.58 2.74
C ALA B 102 -3.84 -13.28 1.82
N PHE B 103 -2.71 -13.85 2.22
CA PHE B 103 -1.47 -13.63 1.53
C PHE B 103 -1.11 -14.61 0.39
N GLY B 104 -1.53 -14.31 -0.84
CA GLY B 104 -1.18 -15.13 -2.01
C GLY B 104 0.19 -14.56 -2.46
N PHE B 105 1.23 -15.40 -2.56
CA PHE B 105 2.56 -14.88 -2.95
C PHE B 105 3.15 -15.74 -4.09
N SER B 106 4.26 -15.26 -4.67
CA SER B 106 4.83 -16.01 -5.76
C SER B 106 6.31 -15.71 -5.96
N ASP B 107 6.90 -16.66 -6.70
CA ASP B 107 8.28 -16.49 -7.09
C ASP B 107 8.16 -15.65 -8.38
N CYS B 108 9.30 -15.10 -8.84
CA CYS B 108 9.28 -14.26 -10.04
C CYS B 108 9.21 -15.05 -11.34
N GLU B 109 8.23 -14.74 -12.16
CA GLU B 109 8.06 -15.42 -13.41
C GLU B 109 8.73 -14.70 -14.60
N LYS B 110 9.23 -13.49 -14.38
CA LYS B 110 9.87 -12.75 -15.49
C LYS B 110 11.33 -12.44 -15.19
N SER B 111 12.26 -13.08 -15.89
CA SER B 111 13.64 -12.83 -15.60
C SER B 111 14.01 -11.36 -15.73
N ALA B 112 13.27 -10.69 -16.62
CA ALA B 112 13.51 -9.26 -16.86
C ALA B 112 13.33 -8.47 -15.58
N ASP B 113 12.32 -8.88 -14.78
CA ASP B 113 12.02 -8.20 -13.52
C ASP B 113 13.11 -8.47 -12.50
N MET B 114 13.66 -9.71 -12.52
CA MET B 114 14.73 -9.98 -11.60
C MET B 114 15.89 -9.06 -11.95
N ARG B 115 16.14 -8.95 -13.26
CA ARG B 115 17.22 -8.08 -13.69
C ARG B 115 16.92 -6.65 -13.33
N PHE B 116 15.68 -6.22 -13.59
CA PHE B 116 15.31 -4.86 -13.27
C PHE B 116 15.67 -4.46 -11.85
N PHE B 117 15.30 -5.37 -10.95
CA PHE B 117 15.49 -5.24 -9.52
C PHE B 117 16.82 -5.75 -9.03
N ASN B 118 17.78 -5.91 -9.97
CA ASN B 118 19.13 -6.34 -9.62
C ASN B 118 19.27 -7.55 -8.72
N ARG B 119 18.51 -8.59 -9.04
CA ARG B 119 18.49 -9.85 -8.32
C ARG B 119 18.94 -10.91 -9.32
N PRO B 120 20.01 -11.64 -9.00
CA PRO B 120 20.52 -12.64 -9.90
C PRO B 120 19.62 -13.83 -10.03
N THR B 121 19.41 -14.22 -11.28
CA THR B 121 18.57 -15.34 -11.50
C THR B 121 19.19 -16.64 -11.17
N ASP B 122 20.53 -16.70 -11.15
CA ASP B 122 21.16 -17.98 -10.86
C ASP B 122 20.86 -18.46 -9.45
N SER B 123 20.61 -17.56 -8.50
CA SER B 123 20.30 -18.00 -7.14
C SER B 123 18.87 -17.62 -6.77
N GLN B 124 18.02 -17.57 -7.79
CA GLN B 124 16.61 -17.19 -7.64
C GLN B 124 15.81 -17.90 -6.57
N PHE B 125 15.79 -19.22 -6.63
CA PHE B 125 15.05 -20.04 -5.66
C PHE B 125 15.56 -19.87 -4.24
N GLN B 126 16.89 -19.77 -4.09
CA GLN B 126 17.52 -19.60 -2.80
C GLN B 126 17.02 -18.27 -2.23
N LEU B 127 17.01 -17.25 -3.10
CA LEU B 127 16.56 -15.92 -2.72
C LEU B 127 15.08 -15.98 -2.26
N PHE B 128 14.28 -16.57 -3.11
CA PHE B 128 12.87 -16.72 -2.82
C PHE B 128 12.63 -17.37 -1.44
N SER B 129 13.32 -18.47 -1.25
CA SER B 129 13.22 -19.19 -0.03
C SER B 129 13.66 -18.39 1.18
N GLU B 130 14.75 -17.61 1.09
CA GLU B 130 15.19 -16.84 2.23
C GLU B 130 14.16 -15.72 2.50
N CYS B 131 13.56 -15.22 1.43
CA CYS B 131 12.57 -14.16 1.60
C CYS B 131 11.40 -14.67 2.40
N HIS B 132 10.84 -15.79 1.91
CA HIS B 132 9.74 -16.38 2.61
C HIS B 132 10.09 -16.65 4.10
N LYS B 133 11.30 -17.16 4.38
CA LYS B 133 11.70 -17.45 5.75
C LYS B 133 11.56 -16.21 6.64
N ILE B 134 12.03 -15.07 6.13
CA ILE B 134 11.97 -13.82 6.87
C ILE B 134 10.51 -13.41 7.09
N ILE B 135 9.67 -13.53 6.06
CA ILE B 135 8.27 -13.18 6.15
C ILE B 135 7.57 -14.09 7.15
N ASN B 136 7.82 -15.37 7.03
CA ASN B 136 7.18 -16.34 7.91
C ASN B 136 7.62 -16.19 9.36
N ASP B 137 8.88 -15.86 9.59
CA ASP B 137 9.40 -15.66 10.95
C ASP B 137 8.62 -14.50 11.58
N ALA B 138 8.46 -13.46 10.79
CA ALA B 138 7.75 -12.31 11.26
C ALA B 138 6.31 -12.66 11.59
N PHE B 139 5.66 -13.30 10.62
CA PHE B 139 4.28 -13.69 10.76
C PHE B 139 4.03 -14.49 12.04
N THR B 140 4.90 -15.47 12.29
CA THR B 140 4.78 -16.40 13.40
C THR B 140 5.32 -15.96 14.73
N THR B 141 6.29 -15.01 14.72
CA THR B 141 6.87 -14.55 15.95
C THR B 141 6.90 -13.05 16.15
N GLY B 142 6.63 -12.25 15.12
CA GLY B 142 6.67 -10.84 15.33
C GLY B 142 8.05 -10.26 15.08
N TYR B 143 9.04 -11.14 14.89
CA TYR B 143 10.45 -10.71 14.66
C TYR B 143 11.12 -11.51 13.54
N CYS B 144 12.27 -10.97 13.16
CA CYS B 144 13.11 -11.62 12.15
C CYS B 144 14.57 -11.28 12.42
N HIS B 145 15.52 -12.07 11.90
CA HIS B 145 16.89 -11.78 12.17
C HIS B 145 17.68 -12.62 11.20
N PRO B 146 17.89 -12.14 9.97
CA PRO B 146 18.63 -12.94 9.01
C PRO B 146 20.13 -12.65 9.03
N ASN B 147 20.92 -13.60 8.51
CA ASN B 147 22.39 -13.47 8.38
C ASN B 147 22.71 -14.49 7.30
N ASN B 148 22.27 -14.21 6.08
CA ASN B 148 22.47 -15.13 5.01
C ASN B 148 23.07 -14.49 3.77
N ASP B 149 23.05 -15.19 2.66
CA ASP B 149 23.68 -14.62 1.47
C ASP B 149 22.99 -13.41 0.90
N PHE B 150 21.75 -13.24 1.27
CA PHE B 150 20.99 -12.13 0.70
C PHE B 150 20.62 -11.01 1.64
N TYR B 151 20.30 -11.38 2.90
CA TYR B 151 19.94 -10.41 3.96
C TYR B 151 20.65 -10.71 5.24
N SER B 152 21.16 -9.65 5.81
CA SER B 152 21.87 -9.69 7.05
C SER B 152 21.75 -8.40 7.80
N PHE B 153 21.03 -8.45 8.91
CA PHE B 153 20.84 -7.26 9.72
C PHE B 153 20.41 -7.72 11.11
N PRO B 154 20.56 -6.84 12.12
CA PRO B 154 20.19 -7.21 13.48
C PRO B 154 18.69 -7.57 13.68
N LYS B 155 18.45 -8.32 14.77
CA LYS B 155 17.10 -8.79 15.09
C LYS B 155 16.14 -7.62 15.21
N ILE B 156 14.94 -7.73 14.62
CA ILE B 156 14.00 -6.59 14.69
C ILE B 156 12.57 -7.06 14.84
N SER B 157 11.78 -6.18 15.47
CA SER B 157 10.38 -6.44 15.61
C SER B 157 9.80 -5.88 14.29
N VAL B 158 8.96 -6.66 13.63
CA VAL B 158 8.33 -6.31 12.36
C VAL B 158 6.91 -5.87 12.74
N ASN B 159 6.69 -4.57 12.71
CA ASN B 159 5.42 -4.03 13.15
C ASN B 159 4.50 -3.54 12.05
N PRO B 160 3.20 -3.63 12.33
CA PRO B 160 2.68 -4.21 13.58
C PRO B 160 2.70 -5.77 13.52
N HIS B 161 2.71 -6.41 14.69
CA HIS B 161 2.67 -7.84 14.74
C HIS B 161 1.32 -8.26 14.21
N ALA B 162 1.23 -9.46 13.67
CA ALA B 162 0.00 -9.92 13.11
C ALA B 162 -1.20 -9.95 14.06
N PHE B 163 -2.37 -9.69 13.48
CA PHE B 163 -3.62 -9.77 14.23
C PHE B 163 -4.02 -11.28 14.37
N THR B 164 -3.90 -12.06 13.28
CA THR B 164 -4.19 -13.49 13.18
C THR B 164 -3.02 -14.29 13.71
N GLU B 165 -3.28 -15.25 14.62
CA GLU B 165 -2.24 -16.06 15.21
C GLU B 165 -1.59 -16.80 14.07
N GLY B 166 -0.23 -16.65 13.97
CA GLY B 166 0.55 -17.28 12.89
C GLY B 166 0.52 -16.50 11.58
N GLY B 167 -0.04 -15.30 11.60
CA GLY B 167 -0.14 -14.42 10.46
C GLY B 167 -1.30 -14.72 9.59
N PRO B 168 -1.52 -13.88 8.59
CA PRO B 168 -2.59 -14.11 7.70
C PRO B 168 -2.33 -15.41 6.92
N ALA B 169 -3.42 -15.93 6.44
CA ALA B 169 -3.36 -17.15 5.66
C ALA B 169 -2.50 -16.95 4.40
N GLN B 170 -1.77 -18.00 4.03
CA GLN B 170 -0.89 -17.91 2.89
C GLN B 170 -1.19 -18.93 1.85
N PHE B 171 -0.75 -18.63 0.62
CA PHE B 171 -0.92 -19.59 -0.48
C PHE B 171 0.14 -19.21 -1.50
N VAL B 172 0.71 -20.19 -2.20
CA VAL B 172 1.77 -19.89 -3.16
C VAL B 172 1.42 -20.32 -4.56
N ASN B 173 1.87 -19.46 -5.52
CA ASN B 173 1.62 -19.71 -6.90
C ASN B 173 2.43 -20.90 -7.39
N ALA B 174 1.74 -21.80 -8.09
CA ALA B 174 2.41 -22.97 -8.62
C ALA B 174 3.12 -22.50 -9.90
N THR B 175 4.36 -22.06 -9.80
CA THR B 175 5.03 -21.59 -10.99
C THR B 175 6.17 -22.49 -11.49
N SER B 176 6.60 -23.46 -10.70
CA SER B 176 7.69 -24.36 -11.10
C SER B 176 7.66 -25.59 -10.24
N LYS B 177 8.29 -26.65 -10.67
CA LYS B 177 8.29 -27.86 -9.85
C LYS B 177 8.97 -27.61 -8.55
N GLU B 178 9.98 -26.75 -8.65
CA GLU B 178 10.80 -26.40 -7.50
C GLU B 178 9.98 -25.76 -6.35
N VAL B 179 9.12 -24.83 -6.76
CA VAL B 179 8.29 -24.14 -5.80
C VAL B 179 7.24 -25.10 -5.31
N VAL B 180 6.70 -25.89 -6.24
CA VAL B 180 5.67 -26.85 -5.86
C VAL B 180 6.16 -27.83 -4.79
N GLU B 181 7.37 -28.32 -4.96
CA GLU B 181 7.95 -29.27 -3.99
C GLU B 181 8.21 -28.62 -2.62
N TRP B 182 8.72 -27.40 -2.69
CA TRP B 182 8.98 -26.60 -1.51
C TRP B 182 7.64 -26.40 -0.73
N ALA B 183 6.56 -26.07 -1.44
CA ALA B 183 5.28 -25.86 -0.79
C ALA B 183 4.77 -27.09 -0.16
N ALA B 184 4.89 -28.24 -0.87
CA ALA B 184 4.40 -29.55 -0.34
C ALA B 184 5.10 -29.90 0.94
N LYS B 185 6.38 -29.60 0.95
CA LYS B 185 7.14 -29.86 2.14
C LYS B 185 6.65 -29.04 3.31
N LEU B 186 6.23 -27.80 3.04
CA LEU B 186 5.76 -26.96 4.10
C LEU B 186 4.28 -27.14 4.31
N GLY B 187 3.66 -27.96 3.51
CA GLY B 187 2.22 -28.15 3.67
C GLY B 187 1.44 -26.87 3.24
N LEU B 188 2.02 -25.96 2.46
CA LEU B 188 1.34 -24.75 2.00
C LEU B 188 0.34 -25.00 0.86
N PRO B 189 -0.78 -24.28 0.83
CA PRO B 189 -1.71 -24.47 -0.27
C PRO B 189 -1.15 -23.76 -1.54
N LEU B 190 -1.55 -24.28 -2.69
CA LEU B 190 -1.14 -23.71 -3.93
C LEU B 190 -2.30 -23.02 -4.59
N VAL B 191 -1.94 -22.16 -5.54
CA VAL B 191 -2.86 -21.54 -6.43
C VAL B 191 -2.38 -21.97 -7.84
N PHE B 192 -3.22 -22.75 -8.51
CA PHE B 192 -2.92 -23.21 -9.87
C PHE B 192 -3.36 -22.06 -10.82
N ARG B 193 -2.51 -21.70 -11.79
CA ARG B 193 -2.73 -20.58 -12.71
C ARG B 193 -3.56 -20.79 -13.94
N TRP B 194 -4.47 -19.85 -14.20
CA TRP B 194 -5.35 -19.85 -15.35
C TRP B 194 -4.59 -19.95 -16.67
N ASP B 195 -3.37 -19.40 -16.66
CA ASP B 195 -2.57 -19.39 -17.88
C ASP B 195 -1.77 -20.66 -18.06
N ASP B 196 -1.73 -21.57 -17.08
CA ASP B 196 -1.02 -22.82 -17.31
C ASP B 196 -1.99 -23.77 -18.00
N SER B 197 -1.49 -24.82 -18.71
CA SER B 197 -2.38 -25.76 -19.36
C SER B 197 -2.92 -26.73 -18.28
N ASN B 198 -4.00 -27.40 -18.67
CA ASN B 198 -4.54 -28.34 -17.72
C ASN B 198 -3.51 -29.42 -17.40
N ALA B 199 -2.75 -29.86 -18.44
CA ALA B 199 -1.72 -30.90 -18.24
C ALA B 199 -0.67 -30.44 -17.27
N GLN B 200 -0.32 -29.15 -17.38
CA GLN B 200 0.65 -28.63 -16.46
C GLN B 200 0.11 -28.51 -15.03
N ARG B 201 -1.15 -28.06 -14.92
CA ARG B 201 -1.68 -27.95 -13.59
C ARG B 201 -1.77 -29.34 -12.97
N LYS B 202 -2.20 -30.35 -13.76
CA LYS B 202 -2.32 -31.72 -13.22
C LYS B 202 -0.97 -32.27 -12.74
N GLU B 203 0.03 -31.95 -13.53
CA GLU B 203 1.38 -32.36 -13.20
C GLU B 203 1.79 -31.78 -11.83
N TYR B 204 1.52 -30.47 -11.63
CA TYR B 204 1.84 -29.83 -10.35
C TYR B 204 1.12 -30.43 -9.13
N ALA B 205 -0.19 -30.68 -9.35
CA ALA B 205 -1.07 -31.27 -8.34
C ALA B 205 -0.49 -32.64 -7.94
N GLY B 206 -0.13 -33.42 -8.98
CA GLY B 206 0.44 -34.76 -8.73
C GLY B 206 1.75 -34.70 -7.93
N LEU B 207 2.63 -33.80 -8.37
CA LEU B 207 3.88 -33.65 -7.72
C LEU B 207 3.74 -33.25 -6.26
N TYR B 208 2.80 -32.36 -6.00
CA TYR B 208 2.59 -31.89 -4.67
C TYR B 208 2.18 -33.07 -3.77
N HIS B 209 1.25 -33.87 -4.26
CA HIS B 209 0.77 -34.99 -3.50
C HIS B 209 1.89 -35.96 -3.17
N GLU B 210 2.62 -36.27 -4.22
CA GLU B 210 3.76 -37.18 -4.17
C GLU B 210 4.84 -36.68 -3.17
N VAL B 211 5.25 -35.44 -3.24
CA VAL B 211 6.24 -34.93 -2.32
C VAL B 211 5.76 -34.89 -0.87
N ALA B 212 4.47 -34.54 -0.69
CA ALA B 212 3.91 -34.44 0.64
C ALA B 212 3.84 -35.82 1.24
N GLN B 213 3.45 -36.76 0.44
CA GLN B 213 3.38 -38.05 1.03
C GLN B 213 4.76 -38.54 1.37
N ALA B 214 5.67 -38.29 0.48
CA ALA B 214 7.01 -38.74 0.70
C ALA B 214 7.64 -38.19 1.93
N HIS B 215 7.25 -36.99 2.33
CA HIS B 215 7.83 -36.37 3.49
C HIS B 215 6.92 -36.47 4.65
N GLY B 216 5.82 -37.21 4.44
CA GLY B 216 4.81 -37.46 5.45
C GLY B 216 4.06 -36.24 5.87
N VAL B 217 3.88 -35.33 4.98
CA VAL B 217 3.15 -34.16 5.37
C VAL B 217 1.68 -34.38 5.18
N ASP B 218 0.87 -34.04 6.20
CA ASP B 218 -0.58 -34.19 6.13
C ASP B 218 -1.16 -32.94 5.48
N VAL B 219 -1.63 -33.15 4.27
CA VAL B 219 -2.21 -32.12 3.47
C VAL B 219 -3.63 -32.44 3.16
N SER B 220 -4.19 -33.32 3.96
CA SER B 220 -5.57 -33.73 3.75
C SER B 220 -6.54 -32.54 3.86
N GLN B 221 -6.14 -31.60 4.63
CA GLN B 221 -6.99 -30.47 4.79
C GLN B 221 -6.56 -29.26 3.95
N VAL B 222 -5.45 -29.30 3.24
CA VAL B 222 -5.06 -28.13 2.45
C VAL B 222 -6.09 -27.83 1.35
N ARG B 223 -6.45 -26.53 1.16
CA ARG B 223 -7.41 -26.25 0.10
C ARG B 223 -6.67 -25.50 -1.01
N HIS B 224 -6.44 -26.15 -2.16
CA HIS B 224 -5.75 -25.45 -3.25
C HIS B 224 -6.76 -24.64 -3.97
N LYS B 225 -6.22 -23.64 -4.64
CA LYS B 225 -7.06 -22.76 -5.44
C LYS B 225 -6.67 -22.93 -6.89
N LEU B 226 -7.59 -22.51 -7.72
CA LEU B 226 -7.44 -22.50 -9.14
C LEU B 226 -7.98 -21.17 -9.67
N THR B 227 -7.27 -20.52 -10.58
CA THR B 227 -7.80 -19.30 -11.21
C THR B 227 -8.22 -19.67 -12.63
N LEU B 228 -9.29 -19.08 -13.13
CA LEU B 228 -9.73 -19.34 -14.47
C LEU B 228 -10.35 -18.11 -15.01
N LEU B 229 -10.27 -17.90 -16.32
CA LEU B 229 -10.91 -16.77 -16.95
C LEU B 229 -12.30 -17.20 -17.34
N VAL B 230 -13.28 -16.29 -17.19
CA VAL B 230 -14.66 -16.60 -17.55
C VAL B 230 -15.15 -15.58 -18.57
N ASN B 231 -15.67 -16.08 -19.67
CA ASN B 231 -16.24 -15.22 -20.65
C ASN B 231 -17.41 -16.01 -21.21
N GLN B 232 -18.68 -15.63 -20.92
CA GLN B 232 -19.84 -16.40 -21.43
C GLN B 232 -20.68 -15.57 -22.33
N ASN B 233 -21.06 -16.17 -23.44
CA ASN B 233 -21.86 -15.59 -24.45
C ASN B 233 -22.62 -16.65 -25.18
N VAL B 234 -23.94 -16.42 -25.45
CA VAL B 234 -24.69 -17.46 -26.18
C VAL B 234 -24.03 -17.66 -27.55
N ASP B 235 -23.34 -16.58 -28.05
CA ASP B 235 -22.59 -16.68 -29.32
C ASP B 235 -21.18 -17.08 -28.82
N GLY B 236 -20.88 -18.39 -28.72
CA GLY B 236 -19.61 -18.83 -28.20
C GLY B 236 -18.44 -18.34 -29.02
N GLU B 237 -18.65 -18.26 -30.30
CA GLU B 237 -17.58 -17.78 -31.16
C GLU B 237 -17.21 -16.33 -30.83
N ALA B 238 -18.24 -15.49 -30.52
CA ALA B 238 -17.97 -14.08 -30.15
C ALA B 238 -17.21 -14.04 -28.84
N ALA B 239 -17.52 -14.96 -27.91
CA ALA B 239 -16.81 -14.98 -26.64
C ALA B 239 -15.31 -15.28 -26.86
N ARG B 240 -15.03 -16.31 -27.70
CA ARG B 240 -13.64 -16.65 -27.94
C ARG B 240 -12.93 -15.51 -28.70
N ALA B 241 -13.59 -14.87 -29.67
CA ALA B 241 -12.94 -13.77 -30.37
C ALA B 241 -12.59 -12.62 -29.44
N GLU B 242 -13.49 -12.30 -28.50
CA GLU B 242 -13.24 -11.22 -27.58
C GLU B 242 -12.12 -11.54 -26.60
N ALA B 243 -12.08 -12.80 -26.10
CA ALA B 243 -11.05 -13.18 -25.18
C ALA B 243 -9.68 -13.19 -25.92
N ARG B 244 -9.73 -13.57 -27.20
CA ARG B 244 -8.51 -13.61 -28.01
C ARG B 244 -7.84 -12.20 -28.06
N VAL B 245 -8.66 -11.20 -28.39
CA VAL B 245 -8.11 -9.87 -28.44
C VAL B 245 -7.57 -9.52 -27.09
N TYR B 246 -8.35 -9.82 -26.06
CA TYR B 246 -7.89 -9.52 -24.70
C TYR B 246 -6.57 -10.19 -24.27
N LEU B 247 -6.33 -11.40 -24.76
CA LEU B 247 -5.15 -12.14 -24.39
C LEU B 247 -3.90 -12.07 -25.33
N GLU B 248 -4.09 -11.57 -26.50
CA GLU B 248 -3.02 -11.52 -27.47
C GLU B 248 -1.70 -10.98 -26.94
N GLU B 249 -1.69 -9.80 -26.36
CA GLU B 249 -0.44 -9.28 -25.86
C GLU B 249 0.20 -10.10 -24.74
N PHE B 250 -0.63 -10.66 -23.87
CA PHE B 250 -0.18 -11.48 -22.74
C PHE B 250 0.58 -12.72 -23.27
N VAL B 251 -0.04 -13.37 -24.27
CA VAL B 251 0.63 -14.56 -24.77
C VAL B 251 1.99 -14.20 -25.38
N ARG B 252 2.00 -13.06 -26.10
CA ARG B 252 3.24 -12.61 -26.72
C ARG B 252 4.23 -12.22 -25.63
N GLU B 253 3.78 -11.68 -24.50
CA GLU B 253 4.73 -11.31 -23.50
C GLU B 253 5.21 -12.43 -22.60
N SER B 254 4.27 -13.21 -22.13
CA SER B 254 4.56 -14.25 -21.21
C SER B 254 4.80 -15.63 -21.78
N TYR B 255 4.50 -15.82 -23.06
CA TYR B 255 4.69 -17.15 -23.67
C TYR B 255 5.39 -17.01 -25.00
N SER B 256 6.40 -16.19 -24.97
CA SER B 256 7.18 -15.91 -26.15
C SER B 256 7.90 -17.11 -26.79
N ASN B 257 8.32 -18.05 -25.96
CA ASN B 257 9.04 -19.19 -26.50
C ASN B 257 8.17 -20.43 -26.81
N THR B 258 6.93 -20.17 -27.20
CA THR B 258 5.99 -21.25 -27.50
C THR B 258 5.16 -20.78 -28.68
N ASP B 259 4.59 -21.70 -29.44
CA ASP B 259 3.78 -21.33 -30.59
C ASP B 259 2.56 -20.49 -30.15
N PHE B 260 2.46 -19.30 -30.73
CA PHE B 260 1.39 -18.41 -30.40
C PHE B 260 0.00 -18.99 -30.59
N GLU B 261 -0.29 -19.46 -31.78
CA GLU B 261 -1.56 -19.99 -32.02
C GLU B 261 -1.95 -21.15 -31.18
N GLN B 262 -0.99 -22.00 -30.99
CA GLN B 262 -1.25 -23.16 -30.21
C GLN B 262 -1.55 -22.80 -28.77
N LYS B 263 -0.78 -21.87 -28.26
CA LYS B 263 -1.00 -21.47 -26.89
C LYS B 263 -2.34 -20.74 -26.75
N MET B 264 -2.60 -19.85 -27.69
CA MET B 264 -3.82 -19.10 -27.64
C MET B 264 -5.01 -20.03 -27.72
N GLY B 265 -4.95 -20.99 -28.64
CA GLY B 265 -6.07 -21.91 -28.76
C GLY B 265 -6.32 -22.72 -27.49
N GLU B 266 -5.25 -23.10 -26.80
CA GLU B 266 -5.38 -23.87 -25.59
C GLU B 266 -6.02 -23.02 -24.47
N LEU B 267 -5.54 -21.79 -24.33
CA LEU B 267 -6.10 -20.90 -23.32
C LEU B 267 -7.58 -20.65 -23.54
N LEU B 268 -7.97 -20.54 -24.79
CA LEU B 268 -9.36 -20.27 -25.14
C LEU B 268 -10.26 -21.46 -24.95
N SER B 269 -9.71 -22.66 -25.00
CA SER B 269 -10.55 -23.82 -24.83
C SER B 269 -10.52 -24.38 -23.44
N GLU B 270 -9.45 -24.13 -22.71
CA GLU B 270 -9.26 -24.62 -21.36
C GLU B 270 -9.83 -23.70 -20.29
N ASN B 271 -9.89 -22.40 -20.55
CA ASN B 271 -10.45 -21.46 -19.58
C ASN B 271 -11.96 -21.55 -19.74
N ALA B 272 -12.69 -20.94 -18.82
CA ALA B 272 -14.14 -21.03 -18.90
C ALA B 272 -14.73 -20.05 -19.91
N ILE B 273 -14.38 -20.24 -21.18
CA ILE B 273 -14.82 -19.35 -22.21
C ILE B 273 -15.71 -20.01 -23.26
N GLY B 274 -16.71 -19.26 -23.76
CA GLY B 274 -17.63 -19.71 -24.78
C GLY B 274 -19.06 -19.60 -24.33
N THR B 275 -19.88 -20.54 -24.81
CA THR B 275 -21.29 -20.52 -24.38
C THR B 275 -21.32 -20.91 -22.92
N TYR B 276 -22.48 -20.74 -22.26
CA TYR B 276 -22.61 -21.13 -20.86
C TYR B 276 -22.19 -22.60 -20.70
N GLU B 277 -22.71 -23.41 -21.62
CA GLU B 277 -22.45 -24.83 -21.62
C GLU B 277 -20.93 -25.13 -21.76
N GLU B 278 -20.31 -24.48 -22.76
CA GLU B 278 -18.86 -24.71 -22.93
C GLU B 278 -18.01 -24.27 -21.76
N SER B 279 -18.30 -23.04 -21.33
CA SER B 279 -17.62 -22.43 -20.25
C SER B 279 -17.67 -23.30 -18.97
N THR B 280 -18.89 -23.75 -18.59
CA THR B 280 -19.06 -24.56 -17.38
C THR B 280 -18.34 -25.91 -17.49
N GLN B 281 -18.45 -26.52 -18.66
CA GLN B 281 -17.75 -27.80 -18.83
C GLN B 281 -16.21 -27.65 -18.66
N ALA B 282 -15.67 -26.55 -19.29
CA ALA B 282 -14.23 -26.30 -19.20
C ALA B 282 -13.83 -26.14 -17.76
N ALA B 283 -14.65 -25.39 -17.03
CA ALA B 283 -14.34 -25.20 -15.63
C ALA B 283 -14.36 -26.51 -14.85
N ARG B 284 -15.34 -27.37 -15.14
CA ARG B 284 -15.39 -28.65 -14.42
C ARG B 284 -14.12 -29.44 -14.69
N VAL B 285 -13.74 -29.49 -15.97
CA VAL B 285 -12.53 -30.21 -16.37
C VAL B 285 -11.30 -29.67 -15.69
N ALA B 286 -11.12 -28.31 -15.68
CA ALA B 286 -9.95 -27.73 -15.03
C ALA B 286 -9.86 -28.08 -13.52
N ILE B 287 -11.02 -28.08 -12.80
CA ILE B 287 -11.05 -28.42 -11.37
C ILE B 287 -10.67 -29.87 -11.16
N GLU B 288 -11.24 -30.71 -12.00
CA GLU B 288 -10.97 -32.13 -11.90
C GLU B 288 -9.49 -32.39 -12.13
N CYS B 289 -8.92 -31.69 -13.12
CA CYS B 289 -7.52 -31.89 -13.42
C CYS B 289 -6.57 -31.60 -12.33
N CYS B 290 -6.83 -30.53 -11.56
CA CYS B 290 -5.90 -30.12 -10.51
C CYS B 290 -6.36 -30.35 -9.09
N GLY B 291 -7.61 -30.75 -8.92
CA GLY B 291 -8.15 -30.99 -7.60
C GLY B 291 -8.24 -29.74 -6.74
N ALA B 292 -8.45 -28.53 -7.28
CA ALA B 292 -8.55 -27.36 -6.39
C ALA B 292 -9.93 -27.37 -5.63
N ALA B 293 -9.89 -26.86 -4.42
CA ALA B 293 -11.05 -26.76 -3.54
C ALA B 293 -11.77 -25.44 -3.74
N ASP B 294 -11.01 -24.44 -4.14
CA ASP B 294 -11.56 -23.10 -4.34
C ASP B 294 -11.27 -22.57 -5.73
N LEU B 295 -12.28 -21.91 -6.30
CA LEU B 295 -12.18 -21.36 -7.62
C LEU B 295 -12.24 -19.84 -7.65
N LEU B 296 -11.23 -19.17 -8.27
CA LEU B 296 -11.20 -17.71 -8.43
C LEU B 296 -11.39 -17.46 -9.91
N MET B 297 -12.33 -16.59 -10.28
CA MET B 297 -12.61 -16.29 -11.65
C MET B 297 -12.43 -14.83 -12.00
N SER B 298 -12.03 -14.61 -13.24
CA SER B 298 -11.89 -13.25 -13.77
C SER B 298 -12.88 -13.10 -14.88
N PHE B 299 -13.78 -12.11 -14.76
CA PHE B 299 -14.78 -11.85 -15.75
C PHE B 299 -14.47 -10.64 -16.66
N GLU B 300 -13.26 -10.09 -16.46
CA GLU B 300 -12.82 -8.87 -17.12
C GLU B 300 -12.78 -8.83 -18.63
N SER B 301 -12.65 -9.98 -19.26
CA SER B 301 -12.60 -9.96 -20.73
C SER B 301 -13.89 -9.59 -21.44
N MET B 302 -15.01 -9.59 -20.68
CA MET B 302 -16.30 -9.21 -21.22
C MET B 302 -16.35 -7.66 -21.11
N GLU B 303 -16.21 -7.05 -22.28
CA GLU B 303 -16.20 -5.60 -22.40
C GLU B 303 -17.55 -4.99 -22.03
N ASP B 304 -18.64 -5.65 -22.44
CA ASP B 304 -19.99 -5.18 -22.14
C ASP B 304 -20.28 -5.36 -20.62
N LYS B 305 -20.39 -4.22 -19.89
CA LYS B 305 -20.61 -4.31 -18.46
C LYS B 305 -21.90 -5.03 -18.09
N ALA B 306 -22.98 -4.79 -18.82
CA ALA B 306 -24.23 -5.44 -18.53
C ALA B 306 -24.11 -6.95 -18.68
N GLN B 307 -23.47 -7.35 -19.78
CA GLN B 307 -23.28 -8.78 -19.99
C GLN B 307 -22.38 -9.34 -18.87
N GLN B 308 -21.29 -8.62 -18.54
CA GLN B 308 -20.43 -9.09 -17.50
C GLN B 308 -21.18 -9.29 -16.16
N ARG B 309 -22.02 -8.31 -15.80
CA ARG B 309 -22.76 -8.47 -14.56
C ARG B 309 -23.77 -9.60 -14.69
N ALA B 310 -24.37 -9.72 -15.84
CA ALA B 310 -25.34 -10.83 -15.96
C ALA B 310 -24.64 -12.19 -15.79
N VAL B 311 -23.40 -12.30 -16.34
CA VAL B 311 -22.66 -13.55 -16.21
C VAL B 311 -22.25 -13.79 -14.76
N ILE B 312 -21.83 -12.73 -14.07
CA ILE B 312 -21.46 -12.87 -12.68
C ILE B 312 -22.70 -13.36 -11.90
N ASP B 313 -23.87 -12.82 -12.29
CA ASP B 313 -25.12 -13.20 -11.64
C ASP B 313 -25.45 -14.66 -11.86
N VAL B 314 -25.35 -15.13 -13.10
CA VAL B 314 -25.63 -16.56 -13.40
C VAL B 314 -24.70 -17.48 -12.59
N VAL B 315 -23.44 -17.12 -12.54
CA VAL B 315 -22.48 -17.89 -11.78
C VAL B 315 -22.86 -17.87 -10.30
N ASN B 316 -23.15 -16.67 -9.78
CA ASN B 316 -23.51 -16.59 -8.38
C ASN B 316 -24.74 -17.45 -8.00
N ALA B 317 -25.75 -17.38 -8.85
CA ALA B 317 -26.98 -18.13 -8.63
C ALA B 317 -26.70 -19.60 -8.56
N ASN B 318 -25.79 -20.03 -9.44
CA ASN B 318 -25.37 -21.42 -9.56
C ASN B 318 -24.49 -21.95 -8.46
N ILE B 319 -24.05 -21.14 -7.54
CA ILE B 319 -23.23 -21.55 -6.41
C ILE B 319 -24.28 -21.78 -5.32
N VAL B 320 -25.17 -20.79 -5.38
CA VAL B 320 -26.33 -20.52 -4.55
C VAL B 320 -27.60 -21.20 -5.07
MG MG C . -5.42 -4.06 27.08
MG MG D . -3.36 28.30 -0.76
C1 EDO E . -5.87 4.65 8.72
O1 EDO E . -6.84 5.26 9.59
C2 EDO E . -6.19 3.18 8.54
O2 EDO E . -7.46 3.05 7.95
C1 EDO F . 16.65 17.60 0.11
O1 EDO F . 17.79 17.91 0.88
C2 EDO F . 16.91 16.47 -0.88
O2 EDO F . 18.28 16.44 -1.22
MG MG G . -21.03 -19.64 -36.40
C1 EDO H . 17.62 -1.24 -9.31
O1 EDO H . 16.39 -1.29 -10.05
C2 EDO H . 17.51 -1.65 -7.82
O2 EDO H . 16.84 -2.90 -7.68
C1 EDO I . -18.60 -9.69 -28.12
O1 EDO I . -18.70 -9.17 -29.42
C2 EDO I . -19.96 -9.70 -27.39
O2 EDO I . -20.98 -10.44 -28.12
C1 EDO J . 12.19 -4.04 -18.47
O1 EDO J . 13.27 -4.23 -17.59
C2 EDO J . 11.23 -5.22 -18.32
O2 EDO J . 11.48 -5.87 -17.07
#